data_6X3E
#
_entry.id   6X3E
#
_cell.length_a   1.00
_cell.length_b   1.00
_cell.length_c   1.00
_cell.angle_alpha   90.00
_cell.angle_beta   90.00
_cell.angle_gamma   90.00
#
_symmetry.space_group_name_H-M   'P 1'
#
loop_
_entity.id
_entity.type
_entity.pdbx_description
1 polymer 'Excitatory amino acid transporter 3'
2 non-polymer 'ASPARTIC ACID'
3 non-polymer 'SODIUM ION'
#
_entity_poly.entity_id   1
_entity_poly.type   'polypeptide(L)'
_entity_poly.pdbx_seq_one_letter_code
;GPMGKPARKGCEWKRFLKNNWVLLSTVAAVVLGITTGVLVREHSNLSTLEKFYFAFPGEILMRMLKLIILPLIISSMITG
VAALDSNVSGKIGLRAVVYYFCTTLIAVILGIVLVVSIKPGVTQKVGEIARTGSTPEVSTVDAMLDLIRNMFPENLVQAC
FQQYKTKREEVKPPSDPEMNMTEESFTAVMTTAISKNKTKEYKIVGMYSDGINVLGLIVFCLVFGLVIGKMGEKGQILVD
FFNALSDATMKIVQIIMCYMPLGILFLIAGKIIEVEDWEIFRKLGLYMATVLTGLAIHSIVILPLIYFIVVRKNPFRFAM
GMAQALLTALMISSSSATLPVTFRCAEENNQVDKRITRFVLPVGATINMDGTALYEAVAAVFIAQLNDLDLGIGQIITIS
ITATSASIGAAGVPQAGLVTMVIVLSAVGLPAEDVTLIIAVDWLLDRFRTMVNVLGDAFGTGIVEKLSKKELEQMDVSSE
VNIVNPFALESTILDNEDSDTKKSYVNGGFAVDKSDTISFTQTSQF
;
_entity_poly.pdbx_strand_id   A,B,C
#
loop_
_chem_comp.id
_chem_comp.type
_chem_comp.name
_chem_comp.formula
NA non-polymer 'SODIUM ION' 'Na 1'
#
# COMPACT_ATOMS: atom_id res chain seq x y z
N LYS A 18 -16.91 42.46 -4.74
CA LYS A 18 -16.61 41.07 -5.10
C LYS A 18 -16.78 40.16 -3.88
N ASN A 19 -16.89 38.87 -4.12
CA ASN A 19 -17.11 37.90 -3.04
C ASN A 19 -16.43 36.58 -3.42
N ASN A 20 -16.81 35.51 -2.74
CA ASN A 20 -16.19 34.21 -2.91
C ASN A 20 -16.91 33.42 -4.01
N TRP A 21 -16.12 32.85 -4.92
CA TRP A 21 -16.67 32.10 -6.04
C TRP A 21 -16.84 30.62 -5.75
N VAL A 22 -16.35 30.14 -4.61
CA VAL A 22 -16.47 28.71 -4.31
C VAL A 22 -17.88 28.38 -3.88
N LEU A 23 -18.47 29.20 -3.01
CA LEU A 23 -19.80 28.93 -2.49
C LEU A 23 -20.89 29.42 -3.44
N LEU A 24 -20.65 30.53 -4.12
CA LEU A 24 -21.67 31.10 -4.99
C LEU A 24 -21.85 30.32 -6.28
N SER A 25 -20.87 29.52 -6.69
CA SER A 25 -21.03 28.70 -7.87
C SER A 25 -21.62 27.34 -7.57
N THR A 26 -21.48 26.87 -6.32
CA THR A 26 -22.14 25.62 -5.93
C THR A 26 -23.64 25.83 -5.78
N VAL A 27 -24.04 26.97 -5.20
CA VAL A 27 -25.45 27.34 -5.13
C VAL A 27 -26.01 27.56 -6.52
N ALA A 28 -25.20 28.14 -7.42
CA ALA A 28 -25.62 28.32 -8.79
C ALA A 28 -25.67 27.01 -9.54
N ALA A 29 -24.98 25.98 -9.05
CA ALA A 29 -25.04 24.66 -9.66
C ALA A 29 -26.15 23.81 -9.08
N VAL A 30 -26.56 24.08 -7.84
CA VAL A 30 -27.72 23.42 -7.27
C VAL A 30 -28.98 23.93 -7.96
N VAL A 31 -29.03 25.24 -8.23
CA VAL A 31 -30.18 25.81 -8.93
C VAL A 31 -30.21 25.33 -10.37
N LEU A 32 -29.07 25.39 -11.06
CA LEU A 32 -28.99 24.93 -12.43
C LEU A 32 -28.98 23.41 -12.56
N GLY A 33 -28.93 22.69 -11.44
CA GLY A 33 -28.99 21.25 -11.48
C GLY A 33 -30.36 20.72 -11.10
N ILE A 34 -31.08 21.46 -10.26
CA ILE A 34 -32.47 21.09 -9.99
C ILE A 34 -33.34 21.38 -11.21
N THR A 35 -33.15 22.54 -11.84
CA THR A 35 -33.94 22.89 -13.02
C THR A 35 -33.52 22.12 -14.27
N THR A 36 -32.40 21.41 -14.24
CA THR A 36 -32.02 20.59 -15.39
C THR A 36 -32.57 19.17 -15.24
N GLY A 37 -32.41 18.56 -14.06
CA GLY A 37 -32.91 17.21 -13.85
C GLY A 37 -34.41 17.11 -13.72
N VAL A 38 -35.13 18.22 -13.70
CA VAL A 38 -36.59 18.21 -13.80
C VAL A 38 -37.04 18.47 -15.23
N LEU A 39 -36.38 19.39 -15.95
CA LEU A 39 -36.81 19.78 -17.28
C LEU A 39 -36.55 18.70 -18.32
N VAL A 40 -35.51 17.89 -18.14
CA VAL A 40 -35.22 16.84 -19.13
C VAL A 40 -36.15 15.66 -19.01
N ARG A 41 -36.99 15.62 -17.98
CA ARG A 41 -37.98 14.56 -17.85
C ARG A 41 -39.28 14.91 -18.59
N GLU A 42 -39.74 16.15 -18.44
CA GLU A 42 -40.96 16.58 -19.13
C GLU A 42 -40.70 16.85 -20.61
N HIS A 43 -39.45 17.09 -21.01
CA HIS A 43 -39.16 17.43 -22.40
C HIS A 43 -38.80 16.19 -23.22
N SER A 44 -37.76 15.48 -22.81
CA SER A 44 -37.24 14.34 -23.56
C SER A 44 -37.46 13.05 -22.76
N ASN A 45 -37.13 11.93 -23.39
CA ASN A 45 -37.26 10.60 -22.78
C ASN A 45 -35.97 9.85 -23.07
N LEU A 46 -35.00 9.99 -22.17
CA LEU A 46 -33.74 9.29 -22.31
C LEU A 46 -33.87 7.87 -21.78
N SER A 47 -33.09 6.96 -22.36
CA SER A 47 -33.14 5.58 -21.95
C SER A 47 -32.37 5.38 -20.65
N THR A 48 -32.26 4.13 -20.21
CA THR A 48 -31.54 3.84 -18.98
C THR A 48 -30.04 3.95 -19.17
N LEU A 49 -29.55 3.81 -20.39
CA LEU A 49 -28.13 3.97 -20.65
C LEU A 49 -27.74 5.42 -20.88
N GLU A 50 -28.66 6.23 -21.39
CA GLU A 50 -28.38 7.65 -21.57
C GLU A 50 -28.49 8.42 -20.27
N LYS A 51 -29.18 7.87 -19.28
CA LYS A 51 -29.24 8.49 -17.96
C LYS A 51 -28.03 8.15 -17.12
N PHE A 52 -27.15 7.28 -17.60
CA PHE A 52 -25.88 7.01 -16.93
C PHE A 52 -24.74 7.83 -17.50
N TYR A 53 -24.81 8.20 -18.78
CA TYR A 53 -23.78 9.07 -19.32
C TYR A 53 -24.07 10.53 -19.04
N PHE A 54 -25.32 10.88 -18.73
CA PHE A 54 -25.65 12.24 -18.35
C PHE A 54 -25.19 12.55 -16.94
N ALA A 55 -25.04 11.54 -16.09
CA ALA A 55 -24.53 11.71 -14.74
C ALA A 55 -23.07 11.29 -14.62
N PHE A 56 -22.34 11.30 -15.73
CA PHE A 56 -20.94 10.91 -15.73
C PHE A 56 -19.99 11.97 -15.15
N PRO A 57 -20.15 13.29 -15.36
CA PRO A 57 -19.34 14.23 -14.58
C PRO A 57 -19.63 14.21 -13.09
N GLY A 58 -20.82 13.75 -12.68
CA GLY A 58 -21.06 13.54 -11.27
C GLY A 58 -20.39 12.30 -10.72
N GLU A 59 -20.08 11.34 -11.60
CA GLU A 59 -19.37 10.14 -11.15
C GLU A 59 -17.88 10.40 -10.98
N ILE A 60 -17.31 11.26 -11.82
CA ILE A 60 -15.88 11.57 -11.73
C ILE A 60 -15.58 12.37 -10.47
N LEU A 61 -16.50 13.28 -10.08
CA LEU A 61 -16.34 14.00 -8.82
C LEU A 61 -16.47 13.07 -7.62
N MET A 62 -17.30 12.04 -7.74
CA MET A 62 -17.51 11.12 -6.62
C MET A 62 -16.28 10.26 -6.37
N ARG A 63 -15.63 9.80 -7.44
CA ARG A 63 -14.43 9.01 -7.28
C ARG A 63 -13.17 9.85 -7.19
N MET A 64 -13.28 11.18 -7.35
CA MET A 64 -12.18 12.06 -7.02
C MET A 64 -12.16 12.41 -5.54
N LEU A 65 -13.30 12.32 -4.87
CA LEU A 65 -13.37 12.54 -3.43
C LEU A 65 -13.09 11.27 -2.65
N LYS A 66 -13.43 10.10 -3.19
CA LYS A 66 -13.03 8.84 -2.55
C LYS A 66 -11.53 8.62 -2.62
N LEU A 67 -10.89 9.16 -3.66
CA LEU A 67 -9.45 9.03 -3.84
C LEU A 67 -8.67 9.75 -2.75
N ILE A 68 -9.17 10.91 -2.30
CA ILE A 68 -8.39 11.75 -1.40
C ILE A 68 -8.59 11.39 0.07
N ILE A 69 -9.58 10.57 0.41
CA ILE A 69 -9.79 10.25 1.82
C ILE A 69 -8.83 9.22 2.38
N LEU A 70 -8.04 8.56 1.55
CA LEU A 70 -7.04 7.66 2.12
C LEU A 70 -5.81 8.43 2.62
N PRO A 71 -5.19 9.37 1.89
CA PRO A 71 -4.11 10.14 2.54
C PRO A 71 -4.60 11.22 3.49
N LEU A 72 -5.88 11.55 3.47
CA LEU A 72 -6.38 12.58 4.38
C LEU A 72 -6.63 12.01 5.77
N ILE A 73 -7.24 10.83 5.84
CA ILE A 73 -7.54 10.22 7.13
C ILE A 73 -6.26 9.73 7.80
N ILE A 74 -5.32 9.23 7.00
CA ILE A 74 -4.06 8.71 7.53
C ILE A 74 -3.19 9.85 8.08
N SER A 75 -3.10 10.97 7.36
CA SER A 75 -2.22 12.05 7.78
C SER A 75 -2.83 12.97 8.83
N SER A 76 -4.15 13.05 8.91
CA SER A 76 -4.74 13.90 9.94
C SER A 76 -4.83 13.18 11.28
N MET A 77 -5.04 11.87 11.27
CA MET A 77 -5.11 11.12 12.51
C MET A 77 -3.73 10.98 13.16
N ILE A 78 -2.67 11.02 12.36
CA ILE A 78 -1.34 10.88 12.94
C ILE A 78 -0.87 12.22 13.52
N THR A 79 -0.93 13.29 12.74
CA THR A 79 -0.49 14.58 13.23
C THR A 79 -1.49 15.26 14.15
N GLY A 80 -2.73 14.76 14.23
CA GLY A 80 -3.67 15.31 15.18
C GLY A 80 -3.43 14.87 16.60
N VAL A 81 -2.83 13.71 16.79
CA VAL A 81 -2.62 13.14 18.12
C VAL A 81 -1.16 13.30 18.53
N ALA A 82 -0.25 13.35 17.55
CA ALA A 82 1.16 13.52 17.85
C ALA A 82 1.48 14.94 18.31
N ALA A 83 0.61 15.90 18.04
CA ALA A 83 0.77 17.26 18.51
C ALA A 83 0.32 17.44 19.96
N LEU A 84 -0.28 16.41 20.56
CA LEU A 84 -0.72 16.44 21.94
C LEU A 84 0.16 15.52 22.76
N ASP A 85 0.47 15.93 23.99
CA ASP A 85 1.48 15.25 24.80
C ASP A 85 0.92 14.15 25.70
N SER A 86 0.06 13.30 25.14
CA SER A 86 -0.37 11.99 25.63
C SER A 86 -1.21 12.03 26.90
N ASN A 87 -1.43 13.19 27.50
CA ASN A 87 -2.42 13.37 28.54
C ASN A 87 -3.43 14.46 28.23
N VAL A 88 -3.05 15.43 27.40
CA VAL A 88 -4.03 16.31 26.77
C VAL A 88 -4.92 15.52 25.82
N SER A 89 -4.34 14.57 25.10
CA SER A 89 -5.12 13.75 24.17
C SER A 89 -6.04 12.76 24.88
N GLY A 90 -5.78 12.46 26.14
CA GLY A 90 -6.72 11.65 26.89
C GLY A 90 -7.95 12.40 27.33
N LYS A 91 -7.91 13.74 27.31
CA LYS A 91 -9.07 14.54 27.65
C LYS A 91 -9.73 15.16 26.43
N ILE A 92 -9.01 15.34 25.33
CA ILE A 92 -9.68 15.64 24.06
C ILE A 92 -10.45 14.40 23.59
N GLY A 93 -9.87 13.22 23.81
CA GLY A 93 -10.57 12.00 23.47
C GLY A 93 -11.75 11.70 24.36
N LEU A 94 -11.68 12.13 25.64
CA LEU A 94 -12.80 11.92 26.53
C LEU A 94 -13.92 12.92 26.26
N ARG A 95 -13.58 14.16 25.93
CA ARG A 95 -14.58 15.16 25.60
C ARG A 95 -15.14 14.99 24.20
N ALA A 96 -14.57 14.10 23.39
CA ALA A 96 -15.14 13.80 22.09
C ALA A 96 -16.15 12.67 22.17
N VAL A 97 -15.83 11.61 22.92
CA VAL A 97 -16.77 10.49 23.02
C VAL A 97 -17.96 10.86 23.89
N VAL A 98 -17.78 11.72 24.91
CA VAL A 98 -18.90 12.16 25.72
C VAL A 98 -19.83 13.06 24.90
N TYR A 99 -19.28 13.90 24.02
CA TYR A 99 -20.10 14.73 23.15
C TYR A 99 -20.84 13.88 22.13
N TYR A 100 -20.19 12.83 21.61
CA TYR A 100 -20.84 12.01 20.58
C TYR A 100 -21.96 11.18 21.18
N PHE A 101 -21.83 10.76 22.43
CA PHE A 101 -22.91 10.04 23.08
C PHE A 101 -24.03 10.97 23.53
N CYS A 102 -23.68 12.25 23.74
CA CYS A 102 -24.65 13.27 24.22
C CYS A 102 -25.48 13.84 23.06
N THR A 103 -25.12 13.55 21.81
CA THR A 103 -25.89 14.03 20.68
C THR A 103 -26.64 12.92 19.95
N THR A 104 -26.06 11.72 19.90
CA THR A 104 -26.76 10.57 19.34
C THR A 104 -27.98 10.23 20.20
N LEU A 105 -27.82 10.28 21.53
CA LEU A 105 -28.94 10.00 22.42
C LEU A 105 -30.02 11.07 22.33
N ILE A 106 -29.66 12.32 22.08
CA ILE A 106 -30.70 13.34 21.94
C ILE A 106 -31.41 13.19 20.61
N ALA A 107 -30.66 12.90 19.54
CA ALA A 107 -31.27 12.68 18.23
C ALA A 107 -32.08 11.39 18.15
N VAL A 108 -31.74 10.37 18.95
CA VAL A 108 -32.57 9.16 18.94
C VAL A 108 -33.87 9.41 19.71
N ILE A 109 -33.80 10.08 20.87
CA ILE A 109 -34.97 10.28 21.72
C ILE A 109 -35.94 11.25 21.05
N LEU A 110 -35.41 12.33 20.46
CA LEU A 110 -36.25 13.31 19.77
C LEU A 110 -36.86 12.73 18.50
N GLY A 111 -36.20 11.75 17.89
CA GLY A 111 -36.83 11.03 16.79
C GLY A 111 -37.84 10.01 17.24
N ILE A 112 -37.73 9.54 18.49
CA ILE A 112 -38.70 8.59 19.02
C ILE A 112 -39.99 9.30 19.40
N VAL A 113 -39.88 10.47 20.03
CA VAL A 113 -41.06 11.22 20.45
C VAL A 113 -41.83 11.77 19.24
N LEU A 114 -41.13 12.23 18.21
CA LEU A 114 -41.81 12.79 17.05
C LEU A 114 -42.51 11.74 16.20
N VAL A 115 -42.10 10.48 16.30
CA VAL A 115 -42.70 9.45 15.45
C VAL A 115 -43.87 8.76 16.14
N VAL A 116 -43.99 8.84 17.47
CA VAL A 116 -45.11 8.23 18.16
C VAL A 116 -46.17 9.24 18.56
N SER A 117 -45.92 10.53 18.37
CA SER A 117 -46.92 11.56 18.55
C SER A 117 -47.59 11.97 17.25
N ILE A 118 -46.82 12.01 16.16
CA ILE A 118 -47.40 12.25 14.84
C ILE A 118 -48.17 11.03 14.38
N LYS A 119 -47.60 9.82 14.62
CA LYS A 119 -48.06 8.51 14.19
C LYS A 119 -48.29 8.47 12.68
N PRO A 120 -47.23 8.42 11.87
CA PRO A 120 -47.40 8.42 10.42
C PRO A 120 -47.87 7.09 9.84
N GLY A 121 -47.62 5.97 10.53
CA GLY A 121 -47.83 4.64 10.00
C GLY A 121 -49.19 4.02 10.20
N VAL A 122 -50.06 4.65 10.97
CA VAL A 122 -51.37 4.07 11.29
C VAL A 122 -52.32 4.22 10.11
N THR A 123 -53.06 3.13 9.84
CA THR A 123 -54.16 2.98 8.86
C THR A 123 -53.74 3.26 7.41
N GLN A 124 -52.45 3.07 7.16
CA GLN A 124 -51.88 3.09 5.79
C GLN A 124 -51.13 1.76 5.72
N LYS A 125 -51.80 0.68 6.18
CA LYS A 125 -51.05 -0.57 6.36
C LYS A 125 -50.68 -1.29 5.06
N VAL A 126 -51.57 -1.49 4.07
CA VAL A 126 -51.09 -2.15 2.83
C VAL A 126 -50.27 -1.24 1.93
N GLY A 127 -50.55 0.06 1.92
CA GLY A 127 -49.82 0.99 1.06
C GLY A 127 -50.42 1.13 -0.32
N SER A 139 -28.90 -11.66 13.11
CA SER A 139 -27.45 -11.52 13.15
C SER A 139 -27.06 -10.13 13.64
N THR A 140 -27.65 -9.73 14.76
CA THR A 140 -27.32 -8.44 15.36
C THR A 140 -25.95 -8.52 16.05
N VAL A 141 -25.67 -9.64 16.71
CA VAL A 141 -24.39 -9.81 17.40
C VAL A 141 -23.26 -10.02 16.39
N ASP A 142 -23.54 -10.62 15.24
CA ASP A 142 -22.52 -10.78 14.22
C ASP A 142 -22.18 -9.48 13.53
N ALA A 143 -23.09 -8.50 13.54
CA ALA A 143 -22.77 -7.19 12.99
C ALA A 143 -22.10 -6.28 13.99
N MET A 144 -22.30 -6.50 15.28
CA MET A 144 -21.65 -5.69 16.29
C MET A 144 -20.28 -6.23 16.66
N LEU A 145 -20.04 -7.53 16.49
CA LEU A 145 -18.71 -8.06 16.64
C LEU A 145 -17.86 -7.83 15.40
N ASP A 146 -18.46 -7.40 14.30
CA ASP A 146 -17.70 -7.00 13.13
C ASP A 146 -17.17 -5.59 13.24
N LEU A 147 -17.62 -4.83 14.22
CA LEU A 147 -17.01 -3.53 14.49
C LEU A 147 -15.66 -3.71 15.15
N ILE A 148 -15.54 -4.71 16.05
CA ILE A 148 -14.27 -4.96 16.70
C ILE A 148 -13.35 -5.73 15.78
N ARG A 149 -13.90 -6.53 14.86
CA ARG A 149 -13.05 -7.20 13.88
C ARG A 149 -12.55 -6.23 12.82
N ASN A 150 -13.21 -5.10 12.64
CA ASN A 150 -12.77 -4.10 11.70
C ASN A 150 -11.91 -3.02 12.34
N MET A 151 -11.88 -2.92 13.66
CA MET A 151 -11.00 -1.96 14.30
C MET A 151 -9.56 -2.45 14.30
N PHE A 152 -9.36 -3.77 14.29
CA PHE A 152 -8.04 -4.39 14.27
C PHE A 152 -8.01 -5.30 13.05
N PRO A 153 -7.69 -4.75 11.88
CA PRO A 153 -7.68 -5.57 10.66
C PRO A 153 -6.45 -6.45 10.61
N GLU A 154 -6.55 -7.53 9.83
CA GLU A 154 -5.43 -8.46 9.73
C GLU A 154 -4.29 -7.93 8.88
N ASN A 155 -4.54 -6.91 8.05
CA ASN A 155 -3.49 -6.37 7.20
C ASN A 155 -3.74 -4.88 6.99
N LEU A 156 -2.68 -4.09 6.99
CA LEU A 156 -2.84 -2.64 6.84
C LEU A 156 -3.07 -2.24 5.38
N VAL A 157 -2.42 -2.92 4.44
CA VAL A 157 -2.64 -2.60 3.02
C VAL A 157 -4.01 -3.08 2.59
N GLN A 158 -4.45 -4.22 3.11
CA GLN A 158 -5.78 -4.70 2.79
C GLN A 158 -6.86 -3.88 3.47
N ALA A 159 -6.53 -3.20 4.56
CA ALA A 159 -7.51 -2.34 5.23
C ALA A 159 -7.75 -1.07 4.44
N CYS A 160 -6.85 -0.71 3.54
CA CYS A 160 -7.00 0.50 2.75
C CYS A 160 -8.04 0.36 1.65
N PHE A 161 -8.42 -0.87 1.29
CA PHE A 161 -9.43 -1.05 0.26
C PHE A 161 -10.41 -2.19 0.50
N GLN A 162 -10.34 -2.89 1.63
CA GLN A 162 -11.22 -4.02 1.85
C GLN A 162 -11.72 -4.04 3.28
N GLN A 163 -13.00 -4.35 3.43
CA GLN A 163 -13.65 -4.50 4.71
C GLN A 163 -13.86 -5.97 4.99
N TYR A 164 -14.16 -6.28 6.25
CA TYR A 164 -14.39 -7.65 6.69
C TYR A 164 -15.86 -7.80 7.04
N LYS A 165 -16.48 -8.84 6.48
CA LYS A 165 -17.88 -9.11 6.76
C LYS A 165 -18.04 -10.57 7.17
N THR A 166 -18.91 -10.78 8.14
CA THR A 166 -19.16 -12.09 8.73
C THR A 166 -20.54 -12.59 8.40
N LYS A 167 -20.63 -13.80 7.86
CA LYS A 167 -21.91 -14.47 7.69
C LYS A 167 -21.94 -15.70 8.58
N ARG A 168 -23.16 -16.14 8.90
CA ARG A 168 -23.38 -17.27 9.80
C ARG A 168 -24.14 -18.35 9.05
N GLU A 169 -23.51 -19.52 8.88
CA GLU A 169 -24.11 -20.57 8.08
C GLU A 169 -23.58 -21.93 8.50
N GLU A 170 -24.39 -22.96 8.26
CA GLU A 170 -23.93 -24.33 8.46
C GLU A 170 -23.90 -25.08 7.13
N GLU A 201 -25.55 -24.74 16.05
CA GLU A 201 -25.32 -25.67 14.96
C GLU A 201 -24.76 -24.95 13.74
N TYR A 202 -24.50 -23.65 13.88
CA TYR A 202 -23.97 -22.83 12.81
C TYR A 202 -22.50 -22.54 13.02
N LYS A 203 -21.79 -22.31 11.92
CA LYS A 203 -20.36 -22.08 11.93
C LYS A 203 -20.06 -20.71 11.33
N ILE A 204 -19.31 -19.91 12.05
CA ILE A 204 -18.97 -18.55 11.64
C ILE A 204 -17.85 -18.57 10.61
N VAL A 205 -18.08 -17.94 9.46
CA VAL A 205 -17.13 -17.88 8.36
C VAL A 205 -17.27 -16.51 7.71
N GLY A 206 -16.15 -15.82 7.58
CA GLY A 206 -16.15 -14.48 7.03
C GLY A 206 -15.18 -14.32 5.87
N MET A 207 -15.58 -13.46 4.94
CA MET A 207 -14.76 -13.15 3.78
C MET A 207 -14.58 -11.64 3.70
N TYR A 208 -13.65 -11.22 2.85
CA TYR A 208 -13.28 -9.81 2.70
C TYR A 208 -14.07 -9.21 1.56
N SER A 209 -14.99 -8.30 1.88
CA SER A 209 -15.73 -7.56 0.87
C SER A 209 -14.92 -6.33 0.46
N ASP A 210 -15.53 -5.42 -0.27
CA ASP A 210 -14.83 -4.23 -0.75
C ASP A 210 -15.32 -2.99 -0.02
N GLY A 211 -14.57 -1.92 -0.16
CA GLY A 211 -14.82 -0.68 0.56
C GLY A 211 -13.73 -0.42 1.57
N ILE A 212 -13.37 0.86 1.73
CA ILE A 212 -12.26 1.22 2.59
C ILE A 212 -12.64 1.06 4.06
N ASN A 213 -11.78 0.39 4.82
CA ASN A 213 -12.00 0.17 6.25
C ASN A 213 -11.57 1.44 6.97
N VAL A 214 -12.52 2.36 7.15
CA VAL A 214 -12.20 3.63 7.79
C VAL A 214 -12.03 3.46 9.28
N LEU A 215 -12.73 2.51 9.90
CA LEU A 215 -12.60 2.29 11.33
C LEU A 215 -11.24 1.69 11.70
N GLY A 216 -10.64 0.91 10.81
CA GLY A 216 -9.35 0.31 11.11
C GLY A 216 -8.17 1.19 10.83
N LEU A 217 -8.31 2.17 9.95
CA LEU A 217 -7.24 3.11 9.71
C LEU A 217 -7.25 4.26 10.70
N ILE A 218 -8.40 4.52 11.31
CA ILE A 218 -8.48 5.51 12.38
C ILE A 218 -7.86 4.96 13.65
N VAL A 219 -8.15 3.69 13.97
CA VAL A 219 -7.69 3.09 15.21
C VAL A 219 -6.18 2.87 15.18
N PHE A 220 -5.64 2.43 14.03
CA PHE A 220 -4.21 2.22 13.94
C PHE A 220 -3.45 3.54 13.95
N CYS A 221 -3.94 4.55 13.24
CA CYS A 221 -3.26 5.84 13.23
C CYS A 221 -3.45 6.61 14.53
N LEU A 222 -4.46 6.26 15.33
CA LEU A 222 -4.56 6.82 16.67
C LEU A 222 -3.50 6.23 17.59
N VAL A 223 -3.25 4.92 17.46
CA VAL A 223 -2.16 4.30 18.20
C VAL A 223 -0.82 4.73 17.64
N PHE A 224 -0.74 4.88 16.32
CA PHE A 224 0.48 5.38 15.70
C PHE A 224 0.72 6.85 16.01
N GLY A 225 -0.35 7.62 16.25
CA GLY A 225 -0.17 9.01 16.64
C GLY A 225 0.26 9.16 18.08
N LEU A 226 -0.21 8.29 18.96
CA LEU A 226 0.18 8.35 20.36
C LEU A 226 1.62 7.86 20.55
N VAL A 227 2.01 6.83 19.81
CA VAL A 227 3.34 6.23 19.96
C VAL A 227 4.41 7.19 19.45
N ILE A 228 4.11 7.91 18.37
CA ILE A 228 5.06 8.84 17.76
C ILE A 228 5.29 10.05 18.68
N GLY A 229 4.21 10.56 19.29
CA GLY A 229 4.34 11.73 20.14
C GLY A 229 5.08 11.47 21.43
N LYS A 230 5.10 10.22 21.89
CA LYS A 230 5.85 9.84 23.08
C LYS A 230 7.30 9.47 22.76
N MET A 231 7.71 9.51 21.50
CA MET A 231 9.07 9.13 21.14
C MET A 231 10.04 10.30 21.15
N GLY A 232 9.54 11.54 21.08
CA GLY A 232 10.42 12.69 21.20
C GLY A 232 11.18 12.96 19.92
N GLU A 233 12.48 13.21 20.07
CA GLU A 233 13.32 13.55 18.92
C GLU A 233 13.61 12.34 18.05
N LYS A 234 13.39 11.13 18.56
CA LYS A 234 13.60 9.92 17.79
C LYS A 234 12.50 9.67 16.77
N GLY A 235 11.40 10.40 16.84
CA GLY A 235 10.32 10.25 15.89
C GLY A 235 9.86 11.59 15.35
N GLN A 236 10.77 12.56 15.31
CA GLN A 236 10.43 13.87 14.80
C GLN A 236 10.33 13.88 13.28
N ILE A 237 11.01 12.95 12.62
CA ILE A 237 10.93 12.90 11.15
C ILE A 237 9.60 12.30 10.71
N LEU A 238 8.91 11.56 11.58
CA LEU A 238 7.58 11.07 11.23
C LEU A 238 6.49 12.09 11.50
N VAL A 239 6.75 13.09 12.35
CA VAL A 239 5.80 14.19 12.48
C VAL A 239 5.93 15.13 11.29
N ASP A 240 7.16 15.39 10.84
CA ASP A 240 7.37 16.27 9.71
C ASP A 240 6.93 15.65 8.40
N PHE A 241 6.93 14.31 8.31
CA PHE A 241 6.49 13.66 7.08
C PHE A 241 4.99 13.74 6.93
N PHE A 242 4.24 13.46 8.00
CA PHE A 242 2.79 13.49 7.96
C PHE A 242 2.21 14.87 8.19
N ASN A 243 3.04 15.88 8.50
CA ASN A 243 2.57 17.25 8.45
C ASN A 243 2.71 17.85 7.06
N ALA A 244 3.74 17.45 6.33
CA ALA A 244 3.87 17.86 4.94
C ALA A 244 2.94 17.07 4.04
N LEU A 245 2.50 15.89 4.47
CA LEU A 245 1.55 15.11 3.70
C LEU A 245 0.12 15.57 3.96
N SER A 246 -0.17 15.99 5.20
CA SER A 246 -1.49 16.53 5.50
C SER A 246 -1.66 17.92 4.91
N ASP A 247 -0.57 18.62 4.65
CA ASP A 247 -0.63 19.90 3.95
C ASP A 247 -0.74 19.70 2.45
N ALA A 248 -0.09 18.67 1.90
CA ALA A 248 -0.14 18.43 0.46
C ALA A 248 -1.47 17.83 0.03
N THR A 249 -2.11 17.04 0.88
CA THR A 249 -3.41 16.48 0.56
C THR A 249 -4.55 17.33 1.09
N MET A 250 -4.26 18.59 1.45
CA MET A 250 -5.30 19.59 1.60
C MET A 250 -5.27 20.62 0.49
N LYS A 251 -4.14 20.75 -0.21
CA LYS A 251 -4.10 21.53 -1.43
C LYS A 251 -4.69 20.79 -2.61
N ILE A 252 -4.72 19.45 -2.55
CA ILE A 252 -5.38 18.68 -3.59
C ILE A 252 -6.89 18.81 -3.44
N VAL A 253 -7.37 18.95 -2.20
CA VAL A 253 -8.78 19.18 -1.93
C VAL A 253 -9.20 20.55 -2.47
N GLN A 254 -8.30 21.52 -2.45
CA GLN A 254 -8.58 22.81 -3.07
C GLN A 254 -8.55 22.77 -4.59
N ILE A 255 -8.07 21.67 -5.18
CA ILE A 255 -8.16 21.48 -6.63
C ILE A 255 -9.48 20.81 -6.99
N ILE A 256 -9.90 19.83 -6.20
CA ILE A 256 -11.20 19.18 -6.38
C ILE A 256 -12.34 20.16 -6.10
N MET A 257 -12.10 21.15 -5.23
CA MET A 257 -13.12 22.15 -4.93
C MET A 257 -13.38 23.11 -6.09
N CYS A 258 -12.52 23.14 -7.10
CA CYS A 258 -12.81 23.91 -8.30
C CYS A 258 -13.57 23.11 -9.34
N TYR A 259 -13.54 21.79 -9.25
CA TYR A 259 -14.37 20.95 -10.11
C TYR A 259 -15.73 20.69 -9.51
N MET A 260 -15.89 20.96 -8.21
CA MET A 260 -17.13 20.65 -7.50
C MET A 260 -18.38 21.33 -8.04
N PRO A 261 -18.39 22.62 -8.46
CA PRO A 261 -19.62 23.14 -9.09
C PRO A 261 -19.95 22.50 -10.42
N LEU A 262 -18.95 22.04 -11.17
CA LEU A 262 -19.25 21.32 -12.40
C LEU A 262 -19.71 19.89 -12.13
N GLY A 263 -19.27 19.30 -11.02
CA GLY A 263 -19.69 17.95 -10.71
C GLY A 263 -21.06 17.81 -10.10
N ILE A 264 -21.44 18.73 -9.20
CA ILE A 264 -22.77 18.69 -8.59
C ILE A 264 -23.86 18.93 -9.62
N LEU A 265 -23.62 19.85 -10.57
CA LEU A 265 -24.59 20.19 -11.61
C LEU A 265 -25.03 19.00 -12.45
N PHE A 266 -24.18 17.97 -12.57
CA PHE A 266 -24.57 16.75 -13.24
C PHE A 266 -24.88 15.61 -12.29
N LEU A 267 -24.40 15.69 -11.03
CA LEU A 267 -24.69 14.66 -10.06
C LEU A 267 -26.12 14.77 -9.54
N ILE A 268 -26.61 16.01 -9.38
CA ILE A 268 -27.98 16.22 -8.91
C ILE A 268 -28.97 16.31 -10.06
N ALA A 269 -28.51 16.48 -11.29
CA ALA A 269 -29.42 16.39 -12.43
C ALA A 269 -29.64 14.94 -12.84
N GLY A 270 -28.66 14.08 -12.61
CA GLY A 270 -28.82 12.67 -12.86
C GLY A 270 -29.38 11.88 -11.70
N LYS A 271 -29.79 12.57 -10.64
CA LYS A 271 -30.39 11.85 -9.49
C LYS A 271 -31.89 12.07 -9.46
N ILE A 272 -32.35 13.26 -9.85
CA ILE A 272 -33.78 13.55 -9.86
C ILE A 272 -34.38 13.26 -11.23
N ILE A 273 -33.71 12.44 -12.02
CA ILE A 273 -34.13 12.10 -13.37
C ILE A 273 -34.88 10.77 -13.39
N GLU A 274 -35.32 10.30 -12.23
CA GLU A 274 -35.90 8.97 -12.09
C GLU A 274 -37.35 8.95 -12.55
N VAL A 275 -38.04 7.85 -12.26
CA VAL A 275 -39.23 7.47 -13.00
C VAL A 275 -40.47 8.23 -12.51
N GLU A 276 -40.77 8.17 -11.22
CA GLU A 276 -42.06 8.59 -10.69
C GLU A 276 -41.87 9.44 -9.44
N ASP A 277 -42.33 10.68 -9.51
CA ASP A 277 -42.32 11.64 -8.41
C ASP A 277 -43.56 11.54 -7.54
N TRP A 278 -44.32 10.44 -7.65
CA TRP A 278 -45.56 10.21 -6.91
C TRP A 278 -45.39 9.41 -5.64
N GLU A 279 -44.51 8.41 -5.61
CA GLU A 279 -44.31 7.63 -4.39
C GLU A 279 -43.64 8.47 -3.31
N ILE A 280 -42.67 9.30 -3.72
CA ILE A 280 -41.98 10.18 -2.78
C ILE A 280 -42.93 11.26 -2.24
N PHE A 281 -43.81 11.78 -3.09
CA PHE A 281 -44.65 12.91 -2.70
C PHE A 281 -45.78 12.49 -1.78
N ARG A 282 -46.66 11.62 -2.27
CA ARG A 282 -47.95 11.39 -1.62
C ARG A 282 -48.10 9.99 -1.03
N LYS A 283 -47.56 8.96 -1.68
CA LYS A 283 -47.81 7.60 -1.20
C LYS A 283 -47.04 7.29 0.08
N LEU A 284 -45.75 7.60 0.12
CA LEU A 284 -44.98 7.54 1.35
C LEU A 284 -44.89 8.90 2.04
N GLY A 285 -45.84 9.79 1.77
CA GLY A 285 -45.86 11.07 2.46
C GLY A 285 -46.20 10.92 3.93
N LEU A 286 -45.81 11.96 4.68
CA LEU A 286 -45.97 12.17 6.12
C LEU A 286 -45.06 11.28 6.95
N TYR A 287 -44.35 10.34 6.31
CA TYR A 287 -43.21 9.66 6.94
C TYR A 287 -41.94 10.46 6.72
N MET A 288 -41.77 11.02 5.52
CA MET A 288 -40.70 11.98 5.28
C MET A 288 -40.91 13.27 6.06
N ALA A 289 -42.16 13.59 6.38
CA ALA A 289 -42.52 14.69 7.27
C ALA A 289 -42.35 14.36 8.74
N THR A 290 -41.80 13.19 9.08
CA THR A 290 -41.34 12.91 10.43
C THR A 290 -39.83 12.79 10.54
N VAL A 291 -39.15 12.45 9.46
CA VAL A 291 -37.69 12.47 9.43
C VAL A 291 -37.19 13.90 9.28
N LEU A 292 -37.72 14.63 8.29
CA LEU A 292 -37.26 15.98 8.01
C LEU A 292 -37.65 16.99 9.07
N THR A 293 -38.73 16.77 9.82
CA THR A 293 -38.99 17.68 10.93
C THR A 293 -37.97 17.46 12.05
N GLY A 294 -37.69 16.19 12.37
CA GLY A 294 -36.68 15.89 13.36
C GLY A 294 -35.28 16.25 12.90
N LEU A 295 -35.01 16.12 11.60
CA LEU A 295 -33.72 16.58 11.11
C LEU A 295 -33.62 18.10 11.10
N ALA A 296 -34.76 18.80 11.07
CA ALA A 296 -34.72 20.25 11.12
C ALA A 296 -34.50 20.74 12.54
N ILE A 297 -35.32 20.23 13.47
CA ILE A 297 -35.28 20.71 14.86
C ILE A 297 -33.99 20.29 15.55
N HIS A 298 -33.44 19.12 15.23
CA HIS A 298 -32.18 18.73 15.84
C HIS A 298 -31.02 19.56 15.31
N SER A 299 -31.05 19.94 14.03
CA SER A 299 -29.92 20.62 13.43
C SER A 299 -30.01 22.15 13.51
N ILE A 300 -31.21 22.71 13.57
CA ILE A 300 -31.39 24.16 13.63
C ILE A 300 -31.57 24.62 15.07
N VAL A 301 -32.32 23.87 15.86
CA VAL A 301 -32.66 24.27 17.23
C VAL A 301 -31.76 23.58 18.25
N ILE A 302 -31.66 22.25 18.19
CA ILE A 302 -31.04 21.51 19.28
C ILE A 302 -29.51 21.61 19.22
N LEU A 303 -28.93 21.37 18.05
CA LEU A 303 -27.47 21.40 17.91
C LEU A 303 -26.85 22.80 18.04
N PRO A 304 -27.49 23.90 17.62
CA PRO A 304 -27.02 25.22 18.06
C PRO A 304 -27.51 25.64 19.43
N LEU A 305 -28.12 24.76 20.22
CA LEU A 305 -28.36 25.05 21.62
C LEU A 305 -27.30 24.41 22.50
N ILE A 306 -26.74 23.28 22.06
CA ILE A 306 -25.60 22.70 22.75
C ILE A 306 -24.36 23.55 22.51
N TYR A 307 -24.28 24.18 21.33
CA TYR A 307 -23.18 25.10 21.04
C TYR A 307 -23.31 26.38 21.83
N PHE A 308 -24.53 26.91 21.95
CA PHE A 308 -24.73 28.19 22.62
C PHE A 308 -24.57 28.09 24.13
N ILE A 309 -24.74 26.89 24.71
CA ILE A 309 -24.62 26.74 26.15
C ILE A 309 -23.16 26.85 26.57
N VAL A 310 -22.26 26.18 25.85
CA VAL A 310 -20.86 26.12 26.24
C VAL A 310 -20.01 27.16 25.51
N VAL A 311 -20.44 27.60 24.33
CA VAL A 311 -19.73 28.64 23.59
C VAL A 311 -20.67 29.82 23.44
N ARG A 312 -20.25 31.00 23.88
CA ARG A 312 -21.09 32.19 23.72
C ARG A 312 -20.76 32.97 22.46
N LYS A 313 -20.72 32.32 21.30
CA LYS A 313 -20.18 32.95 20.10
C LYS A 313 -21.08 32.71 18.88
N ASN A 314 -22.39 32.95 19.02
CA ASN A 314 -23.35 33.09 17.92
C ASN A 314 -23.41 31.83 17.05
N PRO A 315 -24.11 30.78 17.47
CA PRO A 315 -23.99 29.46 16.81
C PRO A 315 -24.45 29.41 15.36
N PHE A 316 -25.16 30.41 14.84
CA PHE A 316 -25.49 30.44 13.43
C PHE A 316 -24.43 31.15 12.60
N ARG A 317 -23.49 31.85 13.24
CA ARG A 317 -22.31 32.34 12.53
C ARG A 317 -21.37 31.20 12.21
N PHE A 318 -21.42 30.12 13.00
CA PHE A 318 -20.62 28.92 12.77
C PHE A 318 -21.21 28.08 11.64
N ALA A 319 -22.53 28.00 11.59
CA ALA A 319 -23.20 27.21 10.55
C ALA A 319 -23.11 27.88 9.19
N MET A 320 -23.07 29.22 9.17
CA MET A 320 -22.90 29.92 7.90
C MET A 320 -21.49 29.75 7.35
N GLY A 321 -20.49 29.67 8.24
CA GLY A 321 -19.14 29.44 7.79
C GLY A 321 -18.88 28.03 7.28
N MET A 322 -19.78 27.09 7.56
CA MET A 322 -19.68 25.72 7.07
C MET A 322 -20.63 25.46 5.91
N ALA A 323 -20.92 26.47 5.08
CA ALA A 323 -21.96 26.32 4.08
C ALA A 323 -21.53 25.47 2.89
N GLN A 324 -20.23 25.42 2.60
CA GLN A 324 -19.75 24.58 1.49
C GLN A 324 -19.81 23.11 1.84
N ALA A 325 -19.49 22.75 3.09
CA ALA A 325 -19.54 21.37 3.50
C ALA A 325 -20.98 20.90 3.72
N LEU A 326 -21.87 21.81 4.10
CA LEU A 326 -23.27 21.45 4.30
C LEU A 326 -23.95 21.17 2.98
N LEU A 327 -23.72 22.00 1.98
CA LEU A 327 -24.35 21.81 0.68
C LEU A 327 -23.67 20.73 -0.15
N THR A 328 -22.46 20.32 0.21
CA THR A 328 -21.83 19.21 -0.49
C THR A 328 -22.47 17.90 -0.08
N ALA A 329 -22.61 17.66 1.23
CA ALA A 329 -23.27 16.47 1.73
C ALA A 329 -24.76 16.45 1.40
N LEU A 330 -25.36 17.61 1.17
CA LEU A 330 -26.74 17.70 0.70
C LEU A 330 -26.90 17.27 -0.75
N MET A 331 -25.81 17.11 -1.49
CA MET A 331 -25.86 16.70 -2.89
C MET A 331 -25.14 15.40 -3.19
N ILE A 332 -24.13 15.03 -2.40
CA ILE A 332 -23.38 13.79 -2.66
C ILE A 332 -23.73 12.66 -1.70
N SER A 333 -24.41 12.95 -0.59
CA SER A 333 -25.05 11.96 0.31
C SER A 333 -24.04 11.01 0.93
N SER A 334 -22.83 11.48 1.21
CA SER A 334 -21.81 10.65 1.82
C SER A 334 -20.95 11.53 2.72
N SER A 335 -20.94 11.21 4.01
CA SER A 335 -20.22 12.05 4.96
C SER A 335 -18.72 11.81 4.90
N SER A 336 -18.30 10.60 4.51
CA SER A 336 -16.87 10.31 4.41
C SER A 336 -16.26 10.96 3.19
N ALA A 337 -17.01 11.05 2.08
CA ALA A 337 -16.46 11.69 0.90
C ALA A 337 -16.36 13.20 1.03
N THR A 338 -17.24 13.81 1.83
CA THR A 338 -17.19 15.25 2.03
C THR A 338 -16.40 15.66 3.26
N LEU A 339 -15.84 14.69 3.98
CA LEU A 339 -14.89 14.98 5.07
C LEU A 339 -13.70 15.84 4.66
N PRO A 340 -13.13 15.77 3.44
CA PRO A 340 -12.16 16.80 3.05
C PRO A 340 -12.74 18.20 2.94
N VAL A 341 -14.02 18.33 2.59
CA VAL A 341 -14.61 19.66 2.53
C VAL A 341 -14.83 20.19 3.94
N THR A 342 -15.10 19.30 4.90
CA THR A 342 -15.34 19.72 6.28
C THR A 342 -14.06 20.16 6.96
N PHE A 343 -12.92 19.56 6.59
CA PHE A 343 -11.62 19.96 7.13
C PHE A 343 -11.26 21.38 6.73
N ARG A 344 -11.43 21.70 5.44
CA ARG A 344 -11.04 23.01 4.95
C ARG A 344 -12.00 24.09 5.43
N CYS A 345 -13.30 23.80 5.43
CA CYS A 345 -14.31 24.80 5.73
C CYS A 345 -14.44 25.09 7.22
N ALA A 346 -13.74 24.37 8.06
CA ALA A 346 -13.75 24.64 9.50
C ALA A 346 -12.53 25.45 9.91
N GLU A 347 -11.33 25.01 9.51
CA GLU A 347 -10.12 25.67 9.95
C GLU A 347 -9.88 26.98 9.21
N GLU A 348 -10.26 27.07 7.92
CA GLU A 348 -10.05 28.30 7.19
C GLU A 348 -11.14 29.32 7.46
N ASN A 349 -12.41 28.88 7.51
CA ASN A 349 -13.51 29.80 7.72
C ASN A 349 -13.69 30.12 9.20
N ASN A 350 -13.96 29.09 10.01
CA ASN A 350 -14.34 29.32 11.39
C ASN A 350 -13.15 29.43 12.33
N GLN A 351 -11.93 29.19 11.81
CA GLN A 351 -10.66 29.36 12.51
C GLN A 351 -10.56 28.50 13.78
N VAL A 352 -11.21 27.35 13.78
CA VAL A 352 -11.08 26.39 14.88
C VAL A 352 -9.72 25.72 14.79
N ASP A 353 -9.11 25.45 15.96
CA ASP A 353 -7.71 25.04 16.06
C ASP A 353 -7.45 23.71 15.37
N LYS A 354 -6.32 23.65 14.67
CA LYS A 354 -5.95 22.49 13.85
C LYS A 354 -5.60 21.26 14.67
N ARG A 355 -5.27 21.42 15.95
CA ARG A 355 -4.95 20.28 16.79
C ARG A 355 -6.17 19.48 17.19
N ILE A 356 -7.37 20.02 16.98
CA ILE A 356 -8.60 19.38 17.38
C ILE A 356 -9.39 18.85 16.18
N THR A 357 -9.43 19.62 15.09
CA THR A 357 -10.15 19.19 13.89
C THR A 357 -9.50 17.99 13.24
N ARG A 358 -8.18 17.82 13.41
CA ARG A 358 -7.54 16.63 12.88
C ARG A 358 -7.90 15.39 13.69
N PHE A 359 -8.37 15.55 14.93
CA PHE A 359 -8.79 14.42 15.74
C PHE A 359 -10.30 14.26 15.84
N VAL A 360 -11.04 15.36 15.95
CA VAL A 360 -12.48 15.26 16.19
C VAL A 360 -13.22 14.89 14.91
N LEU A 361 -12.86 15.53 13.79
CA LEU A 361 -13.54 15.33 12.52
C LEU A 361 -13.37 13.95 11.88
N PRO A 362 -12.20 13.29 11.87
CA PRO A 362 -12.18 11.92 11.32
C PRO A 362 -12.87 10.89 12.20
N VAL A 363 -12.80 11.04 13.52
CA VAL A 363 -13.49 10.11 14.42
C VAL A 363 -14.99 10.29 14.31
N GLY A 364 -15.45 11.55 14.26
CA GLY A 364 -16.87 11.84 14.18
C GLY A 364 -17.50 11.44 12.87
N ALA A 365 -16.72 11.31 11.80
CA ALA A 365 -17.30 10.95 10.52
C ALA A 365 -17.73 9.49 10.45
N THR A 366 -17.11 8.62 11.24
CA THR A 366 -17.45 7.21 11.25
C THR A 366 -18.09 6.73 12.55
N ILE A 367 -18.20 7.59 13.56
CA ILE A 367 -18.78 7.24 14.84
C ILE A 367 -20.02 8.09 15.14
N ASN A 368 -19.90 9.41 15.00
CA ASN A 368 -20.98 10.32 15.32
C ASN A 368 -21.86 10.47 14.08
N MET A 369 -22.96 9.73 14.05
CA MET A 369 -23.88 9.85 12.92
C MET A 369 -25.28 10.09 13.50
N ASP A 370 -25.50 11.34 13.94
CA ASP A 370 -26.76 11.75 14.54
C ASP A 370 -27.92 11.66 13.57
N GLY A 371 -27.68 12.04 12.31
CA GLY A 371 -28.74 11.98 11.30
C GLY A 371 -29.18 10.56 10.99
N THR A 372 -28.25 9.62 11.04
CA THR A 372 -28.63 8.22 10.84
C THR A 372 -29.38 7.70 12.05
N ALA A 373 -29.00 8.16 13.25
CA ALA A 373 -29.63 7.71 14.49
C ALA A 373 -31.08 8.17 14.58
N LEU A 374 -31.38 9.37 14.08
CA LEU A 374 -32.77 9.81 14.05
C LEU A 374 -33.54 9.06 12.96
N TYR A 375 -32.91 8.84 11.80
CA TYR A 375 -33.58 8.13 10.72
C TYR A 375 -33.76 6.66 11.06
N GLU A 376 -32.88 6.11 11.89
CA GLU A 376 -33.07 4.75 12.40
C GLU A 376 -34.24 4.70 13.37
N ALA A 377 -34.36 5.71 14.24
CA ALA A 377 -35.41 5.70 15.24
C ALA A 377 -36.79 6.04 14.69
N VAL A 378 -36.85 6.76 13.58
CA VAL A 378 -38.15 7.12 13.02
C VAL A 378 -38.68 5.99 12.13
N ALA A 379 -37.85 5.52 11.20
CA ALA A 379 -38.33 4.58 10.20
C ALA A 379 -38.55 3.18 10.76
N ALA A 380 -37.78 2.76 11.76
CA ALA A 380 -37.99 1.44 12.34
C ALA A 380 -39.28 1.38 13.14
N VAL A 381 -39.67 2.47 13.79
CA VAL A 381 -40.99 2.53 14.42
C VAL A 381 -42.06 2.61 13.34
N PHE A 382 -41.80 3.37 12.27
CA PHE A 382 -42.77 3.50 11.18
C PHE A 382 -42.98 2.19 10.44
N ILE A 383 -41.93 1.37 10.33
CA ILE A 383 -42.08 0.03 9.76
C ILE A 383 -42.92 -0.84 10.69
N ALA A 384 -42.67 -0.73 11.99
CA ALA A 384 -43.48 -1.44 12.97
C ALA A 384 -44.88 -0.85 13.10
N GLN A 385 -45.08 0.41 12.70
CA GLN A 385 -46.43 0.98 12.73
C GLN A 385 -47.27 0.56 11.53
N LEU A 386 -46.66 0.05 10.45
CA LEU A 386 -47.44 -0.52 9.37
C LEU A 386 -48.02 -1.88 9.72
N ASN A 387 -47.50 -2.55 10.75
CA ASN A 387 -48.21 -3.68 11.33
C ASN A 387 -49.07 -3.17 12.49
N ASP A 388 -49.61 -4.07 13.29
CA ASP A 388 -50.41 -3.67 14.45
C ASP A 388 -49.73 -4.03 15.76
N LEU A 389 -48.42 -3.80 15.82
CA LEU A 389 -47.65 -4.03 17.02
C LEU A 389 -47.94 -2.98 18.09
N ASP A 390 -47.89 -3.40 19.36
CA ASP A 390 -48.17 -2.52 20.48
C ASP A 390 -47.03 -1.52 20.72
N LEU A 391 -45.78 -1.97 20.60
CA LEU A 391 -44.56 -1.19 20.90
C LEU A 391 -44.60 -0.64 22.33
N GLY A 392 -44.58 -1.55 23.28
CA GLY A 392 -44.68 -1.19 24.68
C GLY A 392 -43.43 -0.48 25.20
N ILE A 393 -43.42 -0.30 26.53
CA ILE A 393 -42.34 0.42 27.18
C ILE A 393 -41.02 -0.35 27.11
N GLY A 394 -41.07 -1.68 26.99
CA GLY A 394 -39.84 -2.43 26.78
C GLY A 394 -39.31 -2.41 25.36
N GLN A 395 -40.19 -2.26 24.36
CA GLN A 395 -39.75 -2.24 22.98
C GLN A 395 -39.27 -0.86 22.53
N ILE A 396 -39.66 0.20 23.24
CA ILE A 396 -39.26 1.54 22.84
C ILE A 396 -37.81 1.81 23.23
N ILE A 397 -37.41 1.40 24.45
CA ILE A 397 -36.07 1.73 24.93
C ILE A 397 -35.02 0.91 24.19
N THR A 398 -35.33 -0.34 23.82
CA THR A 398 -34.38 -1.14 23.06
C THR A 398 -34.27 -0.68 21.61
N ILE A 399 -35.27 0.05 21.11
CA ILE A 399 -35.11 0.70 19.81
C ILE A 399 -34.12 1.86 19.94
N SER A 400 -34.24 2.66 21.00
CA SER A 400 -33.34 3.80 21.17
C SER A 400 -31.93 3.36 21.54
N ILE A 401 -31.76 2.13 22.00
CA ILE A 401 -30.45 1.60 22.38
C ILE A 401 -29.73 1.02 21.16
N THR A 402 -30.42 0.19 20.38
CA THR A 402 -29.78 -0.44 19.23
C THR A 402 -29.63 0.50 18.06
N ALA A 403 -30.38 1.61 18.02
CA ALA A 403 -30.19 2.59 16.97
C ALA A 403 -28.95 3.44 17.25
N THR A 404 -28.56 3.55 18.51
CA THR A 404 -27.30 4.17 18.88
C THR A 404 -26.12 3.32 18.42
N SER A 405 -26.25 2.00 18.49
CA SER A 405 -25.15 1.16 18.06
C SER A 405 -25.13 1.00 16.54
N ALA A 406 -26.30 1.07 15.90
CA ALA A 406 -26.34 0.95 14.44
C ALA A 406 -25.81 2.21 13.77
N SER A 407 -26.04 3.37 14.37
CA SER A 407 -25.47 4.61 13.85
C SER A 407 -23.96 4.64 14.03
N ILE A 408 -23.45 3.99 15.08
CA ILE A 408 -22.01 3.84 15.24
C ILE A 408 -21.47 2.88 14.18
N GLY A 409 -22.18 1.78 13.94
CA GLY A 409 -21.65 0.80 13.02
C GLY A 409 -21.90 1.09 11.55
N ALA A 410 -22.68 2.12 11.25
CA ALA A 410 -22.95 2.47 9.86
C ALA A 410 -21.75 3.20 9.26
N ALA A 411 -21.57 3.02 7.96
CA ALA A 411 -20.48 3.69 7.27
C ALA A 411 -20.96 5.02 6.69
N GLY A 412 -19.99 5.86 6.30
CA GLY A 412 -20.20 7.13 5.65
C GLY A 412 -20.38 7.04 4.15
N VAL A 413 -20.51 5.83 3.62
CA VAL A 413 -20.68 5.56 2.20
C VAL A 413 -22.12 5.88 1.81
N PRO A 414 -22.44 6.07 0.52
CA PRO A 414 -23.84 6.29 0.13
C PRO A 414 -24.69 5.04 0.32
N GLN A 415 -25.97 5.28 0.68
CA GLN A 415 -27.03 4.28 0.92
C GLN A 415 -26.63 3.27 2.00
N ALA A 416 -25.95 3.75 3.03
CA ALA A 416 -25.53 2.93 4.14
C ALA A 416 -26.59 2.93 5.24
N GLY A 417 -27.70 3.63 5.02
CA GLY A 417 -28.76 3.68 6.01
C GLY A 417 -29.54 2.39 6.12
N LEU A 418 -29.66 1.65 5.02
CA LEU A 418 -30.44 0.41 5.00
C LEU A 418 -29.64 -0.86 5.30
N VAL A 419 -28.31 -0.80 5.41
CA VAL A 419 -27.59 -1.99 5.86
C VAL A 419 -27.82 -2.17 7.35
N THR A 420 -27.68 -1.09 8.12
CA THR A 420 -27.85 -1.16 9.56
C THR A 420 -29.30 -0.99 9.96
N MET A 421 -30.22 -0.82 8.99
CA MET A 421 -31.64 -0.82 9.31
C MET A 421 -32.12 -2.23 9.58
N VAL A 422 -31.45 -3.23 9.00
CA VAL A 422 -31.76 -4.63 9.24
C VAL A 422 -31.46 -4.98 10.70
N ILE A 423 -30.46 -4.31 11.29
CA ILE A 423 -30.06 -4.57 12.66
C ILE A 423 -31.15 -4.12 13.63
N VAL A 424 -31.65 -2.89 13.45
CA VAL A 424 -32.65 -2.36 14.36
C VAL A 424 -33.99 -3.03 14.12
N LEU A 425 -34.28 -3.41 12.87
CA LEU A 425 -35.55 -4.04 12.55
C LEU A 425 -35.60 -5.46 13.13
N SER A 426 -34.51 -6.21 13.02
CA SER A 426 -34.46 -7.55 13.59
C SER A 426 -34.35 -7.53 15.11
N ALA A 427 -33.97 -6.39 15.70
CA ALA A 427 -33.91 -6.31 17.15
C ALA A 427 -35.29 -6.22 17.79
N VAL A 428 -36.28 -5.67 17.07
CA VAL A 428 -37.64 -5.59 17.60
C VAL A 428 -38.44 -6.81 17.15
N GLY A 429 -37.92 -7.60 16.21
CA GLY A 429 -38.59 -8.80 15.76
C GLY A 429 -39.12 -8.73 14.34
N LEU A 430 -38.99 -7.58 13.68
CA LEU A 430 -39.48 -7.45 12.32
C LEU A 430 -38.58 -8.20 11.34
N PRO A 431 -39.14 -8.69 10.23
CA PRO A 431 -38.30 -9.36 9.23
C PRO A 431 -37.39 -8.40 8.49
N ALA A 432 -36.33 -8.98 7.90
CA ALA A 432 -35.34 -8.19 7.16
C ALA A 432 -35.87 -7.72 5.82
N GLU A 433 -36.80 -8.45 5.22
CA GLU A 433 -37.35 -8.11 3.91
C GLU A 433 -38.50 -7.11 3.98
N ASP A 434 -38.75 -6.54 5.15
CA ASP A 434 -39.65 -5.39 5.29
C ASP A 434 -38.96 -4.06 5.06
N VAL A 435 -37.68 -4.06 4.65
CA VAL A 435 -37.01 -2.82 4.28
C VAL A 435 -37.35 -2.37 2.86
N THR A 436 -38.01 -3.21 2.06
CA THR A 436 -38.29 -2.91 0.67
C THR A 436 -39.31 -1.79 0.48
N LEU A 437 -40.00 -1.39 1.54
CA LEU A 437 -40.88 -0.22 1.48
C LEU A 437 -40.11 1.08 1.55
N ILE A 438 -38.89 1.07 2.08
CA ILE A 438 -38.11 2.29 2.27
C ILE A 438 -37.19 2.59 1.09
N ILE A 439 -36.85 1.59 0.27
CA ILE A 439 -35.85 1.73 -0.79
C ILE A 439 -36.30 2.71 -1.88
N ALA A 440 -37.60 2.97 -2.00
CA ALA A 440 -38.12 3.87 -3.03
C ALA A 440 -37.63 5.30 -2.82
N VAL A 441 -37.99 5.90 -1.69
CA VAL A 441 -37.43 7.19 -1.31
C VAL A 441 -36.29 6.96 -0.31
N ASP A 442 -35.08 6.82 -0.86
CA ASP A 442 -33.90 6.78 -0.03
C ASP A 442 -32.77 7.65 -0.55
N TRP A 443 -32.82 8.12 -1.79
CA TRP A 443 -31.78 9.00 -2.29
C TRP A 443 -31.99 10.44 -1.86
N LEU A 444 -33.21 10.79 -1.45
CA LEU A 444 -33.53 12.13 -0.98
C LEU A 444 -33.42 12.24 0.53
N LEU A 445 -33.81 11.19 1.25
CA LEU A 445 -33.70 11.19 2.69
C LEU A 445 -32.28 10.91 3.17
N ASP A 446 -31.44 10.49 2.23
CA ASP A 446 -30.02 10.16 2.50
C ASP A 446 -29.15 11.40 2.22
N ARG A 447 -29.76 12.49 1.74
CA ARG A 447 -29.04 13.73 1.50
C ARG A 447 -29.26 14.75 2.60
N PHE A 448 -30.44 14.75 3.23
CA PHE A 448 -30.68 15.65 4.34
C PHE A 448 -30.16 15.11 5.65
N ARG A 449 -30.03 13.81 5.79
CA ARG A 449 -29.45 13.22 6.99
C ARG A 449 -27.93 13.09 6.91
N THR A 450 -27.32 13.52 5.81
CA THR A 450 -25.87 13.66 5.74
C THR A 450 -25.41 15.08 6.00
N MET A 451 -26.24 16.08 5.70
CA MET A 451 -25.94 17.46 6.07
C MET A 451 -25.91 17.60 7.59
N VAL A 452 -26.87 16.95 8.26
CA VAL A 452 -26.94 16.96 9.72
C VAL A 452 -25.75 16.22 10.31
N ASN A 453 -25.34 15.12 9.66
CA ASN A 453 -24.20 14.34 10.12
C ASN A 453 -22.92 15.14 10.05
N VAL A 454 -22.74 15.89 8.98
CA VAL A 454 -21.57 16.76 8.83
C VAL A 454 -21.64 17.90 9.83
N LEU A 455 -22.84 18.46 10.04
CA LEU A 455 -23.02 19.55 10.99
C LEU A 455 -22.70 19.11 12.41
N GLY A 456 -23.10 17.88 12.78
CA GLY A 456 -22.81 17.38 14.11
C GLY A 456 -21.31 17.33 14.36
N ASP A 457 -20.55 16.86 13.37
CA ASP A 457 -19.09 16.80 13.48
C ASP A 457 -18.49 18.21 13.56
N ALA A 458 -19.02 19.13 12.74
CA ALA A 458 -18.53 20.51 12.72
C ALA A 458 -18.78 21.21 14.05
N PHE A 459 -19.95 21.00 14.65
CA PHE A 459 -20.28 21.62 15.93
C PHE A 459 -19.34 21.14 17.03
N GLY A 460 -18.95 19.86 16.98
CA GLY A 460 -18.06 19.31 17.99
C GLY A 460 -16.72 20.00 18.06
N THR A 461 -16.17 20.35 16.89
CA THR A 461 -14.87 21.02 16.82
C THR A 461 -14.88 22.35 17.58
N GLY A 462 -15.98 23.08 17.49
CA GLY A 462 -16.09 24.35 18.20
C GLY A 462 -16.38 24.16 19.67
N ILE A 463 -17.05 23.07 20.03
CA ILE A 463 -17.45 22.85 21.41
C ILE A 463 -16.28 22.30 22.23
N VAL A 464 -15.52 21.37 21.65
CA VAL A 464 -14.34 20.82 22.33
C VAL A 464 -13.25 21.87 22.48
N GLU A 465 -13.16 22.82 21.55
CA GLU A 465 -12.10 23.82 21.61
C GLU A 465 -12.32 24.80 22.76
N LYS A 466 -13.56 25.23 22.98
CA LYS A 466 -13.83 26.09 24.14
C LYS A 466 -13.79 25.29 25.43
N LEU A 467 -14.16 24.01 25.37
CA LEU A 467 -14.09 23.16 26.56
C LEU A 467 -12.65 22.83 26.93
N SER A 468 -11.70 23.02 26.03
CA SER A 468 -10.29 22.74 26.28
C SER A 468 -9.44 23.89 25.76
N LYS A 469 -9.85 25.12 26.06
CA LYS A 469 -9.02 26.26 25.68
C LYS A 469 -7.80 26.37 26.57
N LYS A 470 -7.91 25.88 27.82
CA LYS A 470 -6.79 25.94 28.74
C LYS A 470 -5.72 24.92 28.35
N GLU A 471 -6.14 23.71 27.96
CA GLU A 471 -5.17 22.67 27.66
C GLU A 471 -4.48 22.92 26.33
N LEU A 472 -5.17 23.60 25.40
CA LEU A 472 -4.50 24.03 24.18
C LEU A 472 -3.53 25.17 24.47
N GLU A 473 -3.86 26.04 25.42
CA GLU A 473 -2.98 27.11 25.85
C GLU A 473 -1.92 26.63 26.84
N GLN A 474 -2.00 25.37 27.27
CA GLN A 474 -1.00 24.84 28.19
C GLN A 474 0.33 24.66 27.48
N MET A 475 0.30 24.23 26.22
CA MET A 475 1.52 24.00 25.46
C MET A 475 2.12 25.33 25.05
N ASP A 476 3.37 25.57 25.43
CA ASP A 476 4.01 26.85 25.16
C ASP A 476 5.42 26.63 24.63
N VAL A 477 6.21 27.69 24.60
CA VAL A 477 7.61 27.60 24.18
C VAL A 477 8.44 26.99 25.30
N TRP B 21 29.55 -1.34 -21.98
CA TRP B 21 29.61 -2.71 -21.47
C TRP B 21 28.28 -3.42 -21.65
N VAL B 22 27.20 -2.70 -21.34
CA VAL B 22 25.88 -3.32 -21.30
C VAL B 22 25.36 -3.63 -22.70
N LEU B 23 25.83 -2.92 -23.72
CA LEU B 23 25.51 -3.27 -25.10
C LEU B 23 26.26 -4.52 -25.56
N LEU B 24 27.53 -4.65 -25.15
CA LEU B 24 28.31 -5.81 -25.57
C LEU B 24 27.82 -7.09 -24.90
N SER B 25 27.27 -6.99 -23.70
CA SER B 25 26.79 -8.18 -23.01
C SER B 25 25.33 -8.48 -23.29
N THR B 26 24.66 -7.61 -24.05
CA THR B 26 23.31 -7.90 -24.54
C THR B 26 23.35 -8.47 -25.96
N VAL B 27 24.25 -7.98 -26.80
CA VAL B 27 24.50 -8.60 -28.10
C VAL B 27 25.04 -10.01 -27.92
N ALA B 28 25.86 -10.22 -26.88
CA ALA B 28 26.31 -11.55 -26.52
C ALA B 28 25.17 -12.43 -26.01
N ALA B 29 24.15 -11.82 -25.41
CA ALA B 29 22.99 -12.58 -24.97
C ALA B 29 22.13 -13.00 -26.15
N VAL B 30 22.10 -12.20 -27.21
CA VAL B 30 21.32 -12.55 -28.38
C VAL B 30 22.04 -13.59 -29.22
N VAL B 31 23.36 -13.48 -29.36
CA VAL B 31 24.10 -14.44 -30.18
C VAL B 31 24.17 -15.81 -29.50
N LEU B 32 24.41 -15.80 -28.18
CA LEU B 32 24.44 -17.08 -27.43
C LEU B 32 23.01 -17.61 -27.27
N GLY B 33 22.00 -16.74 -27.38
CA GLY B 33 20.62 -17.15 -27.26
C GLY B 33 20.04 -17.70 -28.54
N ILE B 34 20.58 -17.29 -29.68
CA ILE B 34 20.15 -17.86 -30.95
C ILE B 34 20.81 -19.22 -31.19
N THR B 35 22.09 -19.34 -30.84
CA THR B 35 22.80 -20.61 -30.98
C THR B 35 22.31 -21.67 -30.00
N THR B 36 21.89 -21.26 -28.81
CA THR B 36 21.30 -22.23 -27.88
C THR B 36 19.91 -22.66 -28.37
N GLY B 37 19.14 -21.74 -28.94
CA GLY B 37 17.80 -22.05 -29.38
C GLY B 37 17.73 -22.98 -30.57
N VAL B 38 18.83 -23.11 -31.32
CA VAL B 38 18.89 -24.02 -32.46
C VAL B 38 19.69 -25.28 -32.18
N LEU B 39 20.47 -25.34 -31.10
CA LEU B 39 21.11 -26.57 -30.69
C LEU B 39 20.28 -27.36 -29.69
N VAL B 40 19.17 -26.82 -29.22
CA VAL B 40 18.25 -27.54 -28.36
C VAL B 40 17.04 -28.06 -29.14
N ARG B 41 16.49 -27.22 -30.02
CA ARG B 41 15.35 -27.61 -30.84
C ARG B 41 15.73 -28.69 -31.86
N GLU B 42 16.91 -28.58 -32.47
CA GLU B 42 17.31 -29.50 -33.52
C GLU B 42 17.98 -30.76 -32.99
N HIS B 43 18.45 -30.77 -31.74
CA HIS B 43 19.18 -31.90 -31.19
C HIS B 43 18.47 -32.56 -30.02
N SER B 44 17.21 -32.21 -29.75
CA SER B 44 16.48 -32.80 -28.64
C SER B 44 14.98 -32.72 -28.93
N ASN B 45 14.19 -33.13 -27.94
CA ASN B 45 12.73 -33.11 -28.08
C ASN B 45 12.17 -32.91 -26.69
N LEU B 46 11.67 -31.71 -26.42
CA LEU B 46 11.07 -31.33 -25.15
C LEU B 46 9.55 -31.33 -25.26
N SER B 47 8.89 -31.52 -24.11
CA SER B 47 7.45 -31.46 -24.06
C SER B 47 7.01 -30.01 -23.86
N THR B 48 5.74 -29.78 -23.55
CA THR B 48 5.30 -28.43 -23.21
C THR B 48 5.76 -28.00 -21.83
N LEU B 49 6.17 -28.94 -20.98
CA LEU B 49 6.59 -28.64 -19.62
C LEU B 49 8.06 -28.26 -19.54
N GLU B 50 8.94 -29.02 -20.22
CA GLU B 50 10.36 -28.70 -20.18
C GLU B 50 10.69 -27.45 -20.98
N LYS B 51 9.84 -27.07 -21.92
CA LYS B 51 10.00 -25.79 -22.62
C LYS B 51 9.60 -24.62 -21.75
N PHE B 52 8.83 -24.87 -20.68
CA PHE B 52 8.50 -23.84 -19.70
C PHE B 52 9.59 -23.70 -18.66
N TYR B 53 10.23 -24.81 -18.27
CA TYR B 53 11.33 -24.74 -17.33
C TYR B 53 12.60 -24.21 -17.97
N PHE B 54 12.72 -24.30 -19.28
CA PHE B 54 13.89 -23.76 -19.97
C PHE B 54 13.87 -22.24 -19.98
N ALA B 55 12.69 -21.63 -20.09
CA ALA B 55 12.55 -20.19 -20.10
C ALA B 55 12.27 -19.63 -18.72
N PHE B 56 12.66 -20.34 -17.66
CA PHE B 56 12.47 -19.87 -16.30
C PHE B 56 13.42 -18.77 -15.83
N PRO B 57 14.73 -18.75 -16.17
CA PRO B 57 15.54 -17.57 -15.81
C PRO B 57 15.13 -16.29 -16.52
N GLY B 58 14.38 -16.37 -17.61
CA GLY B 58 13.85 -15.19 -18.26
C GLY B 58 12.52 -14.78 -17.68
N GLU B 59 11.81 -15.75 -17.11
CA GLU B 59 10.55 -15.45 -16.42
C GLU B 59 10.78 -14.70 -15.12
N ILE B 60 11.90 -14.97 -14.45
CA ILE B 60 12.25 -14.23 -13.24
C ILE B 60 12.60 -12.78 -13.57
N LEU B 61 13.27 -12.55 -14.70
CA LEU B 61 13.57 -11.19 -15.14
C LEU B 61 12.30 -10.43 -15.50
N MET B 62 11.31 -11.10 -16.08
CA MET B 62 10.08 -10.42 -16.49
C MET B 62 9.23 -10.01 -15.31
N ARG B 63 9.39 -10.64 -14.15
CA ARG B 63 8.70 -10.21 -12.94
C ARG B 63 9.58 -9.43 -12.00
N MET B 64 10.89 -9.40 -12.23
CA MET B 64 11.73 -8.41 -11.56
C MET B 64 11.53 -7.04 -12.18
N LEU B 65 11.19 -6.98 -13.47
CA LEU B 65 10.92 -5.71 -14.11
C LEU B 65 9.58 -5.14 -13.65
N LYS B 66 8.54 -5.98 -13.60
CA LYS B 66 7.24 -5.54 -13.11
C LYS B 66 7.26 -5.20 -11.62
N LEU B 67 8.20 -5.76 -10.87
CA LEU B 67 8.31 -5.46 -9.45
C LEU B 67 8.71 -4.01 -9.23
N ILE B 68 9.57 -3.49 -10.10
CA ILE B 68 10.19 -2.19 -9.86
C ILE B 68 9.41 -1.03 -10.50
N ILE B 69 8.42 -1.31 -11.35
CA ILE B 69 7.72 -0.21 -12.00
C ILE B 69 6.78 0.53 -11.07
N LEU B 70 6.41 -0.04 -9.95
CA LEU B 70 5.54 0.70 -9.04
C LEU B 70 6.31 1.76 -8.23
N PRO B 71 7.48 1.49 -7.63
CA PRO B 71 8.22 2.63 -7.04
C PRO B 71 8.93 3.49 -8.07
N LEU B 72 9.08 3.03 -9.31
CA LEU B 72 9.69 3.86 -10.34
C LEU B 72 8.72 4.91 -10.86
N ILE B 73 7.45 4.53 -11.07
CA ILE B 73 6.45 5.48 -11.53
C ILE B 73 6.20 6.53 -10.46
N ILE B 74 6.11 6.11 -9.20
CA ILE B 74 5.73 7.01 -8.12
C ILE B 74 6.83 8.02 -7.82
N SER B 75 8.07 7.55 -7.71
CA SER B 75 9.15 8.44 -7.31
C SER B 75 9.64 9.34 -8.43
N SER B 76 9.65 8.85 -9.68
CA SER B 76 10.14 9.67 -10.78
C SER B 76 9.14 10.71 -11.24
N MET B 77 7.84 10.45 -11.06
CA MET B 77 6.85 11.46 -11.41
C MET B 77 6.85 12.59 -10.40
N ILE B 78 6.98 12.27 -9.12
CA ILE B 78 6.96 13.29 -8.07
C ILE B 78 8.22 14.13 -8.13
N THR B 79 9.37 13.50 -8.42
CA THR B 79 10.62 14.24 -8.45
C THR B 79 10.83 14.97 -9.77
N GLY B 80 10.34 14.42 -10.87
CA GLY B 80 10.55 15.09 -12.14
C GLY B 80 9.69 16.32 -12.30
N VAL B 81 8.48 16.28 -11.78
CA VAL B 81 7.60 17.44 -11.84
C VAL B 81 8.03 18.50 -10.82
N ALA B 82 8.47 18.09 -9.63
CA ALA B 82 8.96 19.05 -8.66
C ALA B 82 10.31 19.64 -9.02
N ALA B 83 11.07 18.98 -9.89
CA ALA B 83 12.29 19.60 -10.40
C ALA B 83 11.95 20.64 -11.45
N LEU B 84 10.94 20.36 -12.29
CA LEU B 84 10.52 21.32 -13.30
C LEU B 84 9.85 22.56 -12.71
N ASP B 85 9.29 22.45 -11.50
CA ASP B 85 8.79 23.62 -10.80
C ASP B 85 9.92 24.53 -10.33
N SER B 86 11.12 23.99 -10.13
CA SER B 86 12.24 24.80 -9.64
C SER B 86 13.18 25.25 -10.75
N ASN B 87 13.13 24.61 -11.91
CA ASN B 87 14.06 24.92 -12.99
C ASN B 87 13.52 25.96 -13.97
N VAL B 88 12.22 26.25 -13.94
CA VAL B 88 11.65 27.18 -14.92
C VAL B 88 12.08 28.61 -14.61
N SER B 89 12.80 29.21 -15.54
CA SER B 89 13.29 30.58 -15.38
C SER B 89 12.33 31.57 -16.04
N GLY B 90 11.11 31.60 -15.50
CA GLY B 90 10.12 32.55 -15.97
C GLY B 90 9.48 32.15 -17.29
N LYS B 91 9.86 32.86 -18.36
CA LYS B 91 9.33 32.59 -19.69
C LYS B 91 10.27 31.80 -20.57
N ILE B 92 11.58 31.94 -20.35
CA ILE B 92 12.53 31.10 -21.07
C ILE B 92 12.44 29.65 -20.58
N GLY B 93 12.21 29.48 -19.29
CA GLY B 93 12.03 28.14 -18.73
C GLY B 93 10.71 27.49 -19.11
N LEU B 94 9.69 28.30 -19.38
CA LEU B 94 8.38 27.76 -19.72
C LEU B 94 8.27 27.41 -21.20
N ARG B 95 8.92 28.18 -22.07
CA ARG B 95 8.84 27.91 -23.51
C ARG B 95 9.61 26.66 -23.89
N ALA B 96 10.66 26.32 -23.15
CA ALA B 96 11.39 25.08 -23.42
C ALA B 96 10.62 23.85 -22.97
N VAL B 97 9.88 23.94 -21.87
CA VAL B 97 9.10 22.80 -21.39
C VAL B 97 7.90 22.56 -22.29
N VAL B 98 7.27 23.63 -22.77
CA VAL B 98 6.14 23.51 -23.69
C VAL B 98 6.60 22.92 -25.03
N TYR B 99 7.77 23.33 -25.50
CA TYR B 99 8.31 22.78 -26.74
C TYR B 99 8.66 21.31 -26.62
N TYR B 100 9.13 20.87 -25.45
CA TYR B 100 9.46 19.47 -25.24
C TYR B 100 8.23 18.59 -25.21
N PHE B 101 7.08 19.14 -24.82
CA PHE B 101 5.87 18.36 -24.73
C PHE B 101 5.18 18.19 -26.08
N CYS B 102 5.24 19.21 -26.94
CA CYS B 102 4.56 19.10 -28.23
C CYS B 102 5.30 18.17 -29.18
N THR B 103 6.63 18.28 -29.26
CA THR B 103 7.40 17.41 -30.15
C THR B 103 7.32 15.95 -29.72
N THR B 104 7.27 15.70 -28.41
CA THR B 104 7.12 14.33 -27.94
C THR B 104 5.74 13.79 -28.26
N LEU B 105 4.71 14.64 -28.14
CA LEU B 105 3.36 14.20 -28.47
C LEU B 105 3.16 14.06 -29.97
N ILE B 106 3.91 14.81 -30.78
CA ILE B 106 3.82 14.65 -32.23
C ILE B 106 4.56 13.40 -32.68
N ALA B 107 5.71 13.12 -32.08
CA ALA B 107 6.47 11.92 -32.43
C ALA B 107 5.76 10.65 -31.99
N VAL B 108 4.97 10.72 -30.93
CA VAL B 108 4.17 9.56 -30.53
C VAL B 108 3.01 9.37 -31.50
N ILE B 109 2.32 10.45 -31.85
CA ILE B 109 1.20 10.40 -32.79
C ILE B 109 1.68 9.96 -34.17
N LEU B 110 2.85 10.43 -34.59
CA LEU B 110 3.45 9.95 -35.83
C LEU B 110 3.84 8.48 -35.74
N GLY B 111 4.26 8.03 -34.55
CA GLY B 111 4.57 6.62 -34.38
C GLY B 111 3.33 5.75 -34.32
N ILE B 112 2.23 6.28 -33.77
CA ILE B 112 0.99 5.51 -33.70
C ILE B 112 0.37 5.37 -35.08
N VAL B 113 0.36 6.44 -35.87
CA VAL B 113 -0.25 6.42 -37.19
C VAL B 113 0.52 5.51 -38.14
N LEU B 114 1.85 5.51 -38.04
CA LEU B 114 2.66 4.73 -38.96
C LEU B 114 2.56 3.23 -38.68
N VAL B 115 2.46 2.85 -37.40
CA VAL B 115 2.38 1.44 -37.07
C VAL B 115 0.97 0.90 -37.23
N VAL B 116 -0.04 1.76 -37.29
CA VAL B 116 -1.40 1.33 -37.54
C VAL B 116 -1.68 1.22 -39.04
N SER B 117 -1.11 2.12 -39.83
CA SER B 117 -1.32 2.07 -41.28
C SER B 117 -0.54 0.93 -41.92
N ILE B 118 0.73 0.76 -41.53
CA ILE B 118 1.55 -0.29 -42.12
C ILE B 118 1.14 -1.66 -41.58
N LYS B 119 0.82 -1.74 -40.29
CA LYS B 119 0.54 -2.96 -39.52
C LYS B 119 1.63 -4.01 -39.66
N PRO B 120 2.81 -3.84 -39.06
CA PRO B 120 3.75 -4.97 -38.98
C PRO B 120 3.40 -5.87 -37.81
N GLY B 121 3.32 -7.18 -38.09
CA GLY B 121 3.00 -8.17 -37.09
C GLY B 121 1.71 -8.92 -37.35
N VAL B 122 0.80 -8.36 -38.15
CA VAL B 122 -0.42 -9.08 -38.48
C VAL B 122 -0.13 -10.14 -39.52
N THR B 123 -1.07 -11.09 -39.64
CA THR B 123 -1.04 -12.30 -40.49
C THR B 123 0.24 -13.11 -40.28
N SER B 139 -18.40 -1.35 -26.69
CA SER B 139 -18.57 -0.11 -27.44
C SER B 139 -17.35 0.79 -27.30
N THR B 140 -17.22 1.75 -28.22
CA THR B 140 -16.08 2.65 -28.23
C THR B 140 -16.27 3.85 -27.30
N VAL B 141 -17.49 4.10 -26.84
CA VAL B 141 -17.72 5.18 -25.89
C VAL B 141 -17.49 4.68 -24.45
N ASP B 142 -17.73 3.40 -24.19
CA ASP B 142 -17.42 2.83 -22.88
C ASP B 142 -15.93 2.59 -22.69
N ALA B 143 -15.12 2.65 -23.75
CA ALA B 143 -13.68 2.57 -23.60
C ALA B 143 -13.04 3.92 -23.38
N MET B 144 -13.64 4.99 -23.88
CA MET B 144 -13.14 6.33 -23.61
C MET B 144 -13.55 6.83 -22.24
N LEU B 145 -14.69 6.38 -21.73
CA LEU B 145 -15.06 6.75 -20.37
C LEU B 145 -14.36 5.90 -19.34
N ASP B 146 -13.91 4.69 -19.70
CA ASP B 146 -13.01 3.94 -18.84
C ASP B 146 -11.64 4.57 -18.76
N LEU B 147 -11.26 5.36 -19.76
CA LEU B 147 -10.00 6.07 -19.74
C LEU B 147 -10.01 7.16 -18.67
N ILE B 148 -11.14 7.87 -18.55
CA ILE B 148 -11.24 8.95 -17.58
C ILE B 148 -11.52 8.42 -16.19
N ARG B 149 -12.22 7.28 -16.09
CA ARG B 149 -12.44 6.66 -14.79
C ARG B 149 -11.15 6.12 -14.19
N ASN B 150 -10.20 5.75 -15.03
CA ASN B 150 -8.92 5.23 -14.55
C ASN B 150 -7.91 6.31 -14.24
N MET B 151 -8.09 7.53 -14.77
CA MET B 151 -7.22 8.63 -14.37
C MET B 151 -7.49 9.06 -12.93
N PHE B 152 -8.74 8.91 -12.48
CA PHE B 152 -9.15 9.25 -11.12
C PHE B 152 -9.70 7.99 -10.49
N PRO B 153 -8.84 7.14 -9.92
CA PRO B 153 -9.33 5.90 -9.31
C PRO B 153 -10.01 6.19 -7.98
N GLU B 154 -10.78 5.21 -7.50
CA GLU B 154 -11.46 5.41 -6.24
C GLU B 154 -10.57 5.17 -5.05
N ASN B 155 -9.38 4.63 -5.25
CA ASN B 155 -8.48 4.35 -4.14
C ASN B 155 -7.06 4.30 -4.66
N LEU B 156 -6.13 4.80 -3.86
CA LEU B 156 -4.73 4.84 -4.28
C LEU B 156 -4.06 3.48 -4.15
N VAL B 157 -4.49 2.65 -3.22
CA VAL B 157 -3.85 1.34 -3.07
C VAL B 157 -4.35 0.38 -4.14
N GLN B 158 -5.64 0.41 -4.48
CA GLN B 158 -6.10 -0.41 -5.60
C GLN B 158 -5.56 0.07 -6.94
N ALA B 159 -5.15 1.33 -7.03
CA ALA B 159 -4.53 1.82 -8.26
C ALA B 159 -3.17 1.17 -8.49
N CYS B 160 -2.51 0.67 -7.44
CA CYS B 160 -1.24 0.02 -7.63
C CYS B 160 -1.35 -1.38 -8.23
N PHE B 161 -2.52 -2.01 -8.19
CA PHE B 161 -2.63 -3.34 -8.78
C PHE B 161 -3.94 -3.64 -9.50
N GLN B 162 -4.86 -2.69 -9.60
CA GLN B 162 -6.15 -3.00 -10.20
C GLN B 162 -6.57 -1.85 -11.11
N GLN B 163 -7.39 -2.20 -12.09
CA GLN B 163 -7.91 -1.27 -13.08
C GLN B 163 -9.41 -1.43 -13.16
N TYR B 164 -10.11 -0.31 -13.25
CA TYR B 164 -11.55 -0.34 -13.42
C TYR B 164 -11.86 -0.63 -14.87
N LYS B 165 -12.65 -1.66 -15.11
CA LYS B 165 -13.17 -1.96 -16.43
C LYS B 165 -14.68 -2.04 -16.35
N THR B 166 -15.35 -1.51 -17.36
CA THR B 166 -16.80 -1.48 -17.37
C THR B 166 -17.33 -2.38 -18.47
N LYS B 167 -18.60 -2.71 -18.36
CA LYS B 167 -19.19 -3.73 -19.23
C LYS B 167 -20.64 -3.36 -19.45
N ARG B 168 -20.98 -3.07 -20.70
CA ARG B 168 -22.36 -2.75 -21.05
C ARG B 168 -23.13 -4.04 -21.24
N GLU B 169 -24.22 -4.20 -20.50
CA GLU B 169 -24.98 -5.44 -20.50
C GLU B 169 -26.41 -5.14 -20.10
N GLU B 170 -27.20 -6.20 -19.96
CA GLU B 170 -28.57 -6.09 -19.46
C GLU B 170 -28.97 -7.38 -18.77
N GLU B 201 -32.01 0.30 -22.86
CA GLU B 201 -32.42 -0.98 -22.31
C GLU B 201 -31.21 -1.78 -21.81
N TYR B 202 -30.11 -1.08 -21.57
CA TYR B 202 -28.87 -1.70 -21.12
C TYR B 202 -28.44 -1.11 -19.78
N LYS B 203 -27.69 -1.90 -19.03
CA LYS B 203 -27.12 -1.46 -17.76
C LYS B 203 -25.60 -1.44 -17.89
N ILE B 204 -24.94 -0.93 -16.84
CA ILE B 204 -23.49 -0.76 -16.86
C ILE B 204 -22.93 -1.17 -15.50
N VAL B 205 -21.98 -2.11 -15.53
CA VAL B 205 -21.41 -2.72 -14.33
C VAL B 205 -19.90 -2.58 -14.42
N GLY B 206 -19.27 -2.21 -13.30
CA GLY B 206 -17.84 -2.21 -13.21
C GLY B 206 -17.36 -3.42 -12.46
N MET B 207 -16.08 -3.76 -12.64
CA MET B 207 -15.62 -5.07 -12.19
C MET B 207 -14.36 -4.99 -11.34
N TYR B 208 -13.52 -3.99 -11.60
CA TYR B 208 -12.19 -3.80 -10.99
C TYR B 208 -11.30 -5.02 -11.25
N SER B 209 -10.95 -5.18 -12.53
CA SER B 209 -10.04 -6.24 -12.95
C SER B 209 -8.63 -5.96 -12.45
N ASP B 210 -7.72 -6.90 -12.72
CA ASP B 210 -6.36 -6.85 -12.23
C ASP B 210 -5.42 -6.26 -13.28
N GLY B 211 -4.24 -5.87 -12.82
CA GLY B 211 -3.24 -5.17 -13.60
C GLY B 211 -3.07 -3.75 -13.07
N ILE B 212 -1.83 -3.29 -13.02
CA ILE B 212 -1.52 -2.02 -12.36
C ILE B 212 -2.07 -0.87 -13.18
N ASN B 213 -2.73 0.06 -12.49
CA ASN B 213 -3.29 1.25 -13.13
C ASN B 213 -2.17 2.27 -13.28
N VAL B 214 -1.56 2.30 -14.46
CA VAL B 214 -0.45 3.22 -14.70
C VAL B 214 -0.94 4.64 -14.91
N LEU B 215 -2.13 4.81 -15.49
CA LEU B 215 -2.66 6.16 -15.70
C LEU B 215 -3.08 6.81 -14.40
N GLY B 216 -3.60 6.03 -13.45
CA GLY B 216 -4.00 6.58 -12.18
C GLY B 216 -2.83 7.00 -11.32
N LEU B 217 -1.69 6.33 -11.47
CA LEU B 217 -0.50 6.71 -10.72
C LEU B 217 0.26 7.85 -11.38
N ILE B 218 0.17 7.96 -12.71
CA ILE B 218 0.82 9.07 -13.40
C ILE B 218 0.07 10.38 -13.13
N VAL B 219 -1.26 10.33 -13.16
CA VAL B 219 -2.06 11.54 -12.99
C VAL B 219 -2.03 12.03 -11.55
N PHE B 220 -2.07 11.11 -10.58
CA PHE B 220 -2.02 11.53 -9.17
C PHE B 220 -0.66 12.08 -8.80
N CYS B 221 0.42 11.41 -9.21
CA CYS B 221 1.75 11.87 -8.85
C CYS B 221 2.17 13.11 -9.63
N LEU B 222 1.51 13.42 -10.74
CA LEU B 222 1.71 14.71 -11.38
C LEU B 222 1.05 15.82 -10.57
N VAL B 223 -0.16 15.57 -10.08
CA VAL B 223 -0.84 16.55 -9.24
C VAL B 223 -0.18 16.63 -7.86
N PHE B 224 0.24 15.48 -7.33
CA PHE B 224 0.95 15.47 -6.05
C PHE B 224 2.33 16.12 -6.16
N GLY B 225 3.07 15.82 -7.23
CA GLY B 225 4.36 16.44 -7.44
C GLY B 225 4.28 17.93 -7.72
N LEU B 226 3.16 18.40 -8.27
CA LEU B 226 2.98 19.83 -8.48
C LEU B 226 2.71 20.55 -7.17
N VAL B 227 1.99 19.90 -6.25
CA VAL B 227 1.57 20.55 -5.02
C VAL B 227 2.75 20.74 -4.08
N ILE B 228 3.66 19.76 -4.01
CA ILE B 228 4.82 19.86 -3.13
C ILE B 228 5.79 20.93 -3.65
N GLY B 229 5.85 21.13 -4.96
CA GLY B 229 6.67 22.19 -5.50
C GLY B 229 6.19 23.58 -5.14
N LYS B 230 4.88 23.77 -5.01
CA LYS B 230 4.36 25.06 -4.61
C LYS B 230 4.39 25.26 -3.09
N MET B 231 4.54 24.19 -2.32
CA MET B 231 4.56 24.31 -0.87
C MET B 231 5.87 24.90 -0.35
N GLY B 232 6.97 24.69 -1.07
CA GLY B 232 8.26 25.19 -0.64
C GLY B 232 8.81 24.59 0.63
N GLU B 233 9.10 25.44 1.62
CA GLU B 233 9.74 25.05 2.87
C GLU B 233 8.92 23.99 3.63
N LYS B 234 7.58 24.12 3.60
CA LYS B 234 6.72 23.16 4.29
C LYS B 234 6.86 21.76 3.71
N GLY B 235 7.00 21.65 2.39
CA GLY B 235 7.08 20.35 1.76
C GLY B 235 8.47 19.91 1.36
N GLN B 236 9.51 20.52 1.92
CA GLN B 236 10.87 20.16 1.56
C GLN B 236 11.26 18.76 2.02
N ILE B 237 10.61 18.24 3.06
CA ILE B 237 10.88 16.87 3.48
C ILE B 237 10.24 15.87 2.52
N LEU B 238 9.17 16.26 1.82
CA LEU B 238 8.59 15.36 0.83
C LEU B 238 9.37 15.35 -0.47
N VAL B 239 9.97 16.47 -0.83
CA VAL B 239 10.88 16.48 -1.98
C VAL B 239 12.12 15.66 -1.66
N ASP B 240 12.65 15.79 -0.44
CA ASP B 240 13.85 15.06 -0.06
C ASP B 240 13.58 13.56 0.12
N PHE B 241 12.36 13.20 0.51
CA PHE B 241 12.02 11.79 0.65
C PHE B 241 11.97 11.09 -0.70
N PHE B 242 11.28 11.69 -1.67
CA PHE B 242 11.12 11.04 -2.96
C PHE B 242 12.36 11.20 -3.82
N ASN B 243 13.24 12.17 -3.52
CA ASN B 243 14.52 12.22 -4.20
C ASN B 243 15.39 11.03 -3.80
N ALA B 244 15.44 10.73 -2.50
CA ALA B 244 16.17 9.55 -2.06
C ALA B 244 15.46 8.26 -2.46
N LEU B 245 14.14 8.31 -2.63
CA LEU B 245 13.42 7.13 -3.10
C LEU B 245 13.64 6.89 -4.58
N SER B 246 13.80 7.95 -5.37
CA SER B 246 14.06 7.78 -6.78
C SER B 246 15.52 7.45 -7.06
N ASP B 247 16.44 7.87 -6.20
CA ASP B 247 17.82 7.43 -6.34
C ASP B 247 18.00 5.99 -5.92
N ALA B 248 17.19 5.51 -4.97
CA ALA B 248 17.32 4.13 -4.52
C ALA B 248 16.75 3.15 -5.53
N THR B 249 15.60 3.45 -6.11
CA THR B 249 15.02 2.53 -7.09
C THR B 249 15.69 2.63 -8.44
N MET B 250 16.42 3.71 -8.71
CA MET B 250 17.25 3.76 -9.91
C MET B 250 18.49 2.92 -9.76
N LYS B 251 18.90 2.63 -8.53
CA LYS B 251 20.02 1.73 -8.29
C LYS B 251 19.57 0.27 -8.27
N ILE B 252 18.30 0.01 -7.98
CA ILE B 252 17.79 -1.36 -8.09
C ILE B 252 17.57 -1.70 -9.55
N VAL B 253 17.21 -0.73 -10.38
CA VAL B 253 17.08 -0.93 -11.82
C VAL B 253 18.44 -1.28 -12.42
N GLN B 254 19.51 -0.68 -11.90
CA GLN B 254 20.85 -1.04 -12.36
C GLN B 254 21.25 -2.44 -11.92
N ILE B 255 20.70 -2.93 -10.81
CA ILE B 255 20.97 -4.31 -10.39
C ILE B 255 20.24 -5.29 -11.30
N ILE B 256 19.00 -4.95 -11.68
CA ILE B 256 18.23 -5.81 -12.59
C ILE B 256 18.86 -5.85 -13.97
N MET B 257 19.47 -4.74 -14.41
CA MET B 257 20.12 -4.73 -15.71
C MET B 257 21.45 -5.46 -15.72
N CYS B 258 21.98 -5.86 -14.57
CA CYS B 258 23.11 -6.78 -14.55
C CYS B 258 22.66 -8.23 -14.63
N TYR B 259 21.45 -8.55 -14.16
CA TYR B 259 20.88 -9.86 -14.39
C TYR B 259 20.31 -10.00 -15.80
N MET B 260 19.96 -8.88 -16.43
CA MET B 260 19.28 -8.90 -17.72
C MET B 260 19.99 -9.65 -18.86
N PRO B 261 21.32 -9.64 -19.01
CA PRO B 261 21.90 -10.52 -20.05
C PRO B 261 21.73 -12.01 -19.78
N LEU B 262 21.62 -12.42 -18.52
CA LEU B 262 21.33 -13.82 -18.23
C LEU B 262 19.87 -14.17 -18.51
N GLY B 263 18.96 -13.23 -18.28
CA GLY B 263 17.54 -13.46 -18.52
C GLY B 263 17.13 -13.43 -19.98
N ILE B 264 17.73 -12.53 -20.77
CA ILE B 264 17.43 -12.44 -22.19
C ILE B 264 17.92 -13.67 -22.94
N LEU B 265 18.99 -14.31 -22.46
CA LEU B 265 19.53 -15.51 -23.09
C LEU B 265 18.53 -16.66 -23.05
N PHE B 266 17.97 -16.94 -21.88
CA PHE B 266 17.01 -18.03 -21.77
C PHE B 266 15.63 -17.67 -22.30
N LEU B 267 15.35 -16.39 -22.51
CA LEU B 267 14.05 -15.96 -23.01
C LEU B 267 14.04 -15.75 -24.52
N ILE B 268 15.20 -15.48 -25.13
CA ILE B 268 15.32 -15.55 -26.58
C ILE B 268 15.26 -17.00 -27.03
N ALA B 269 15.98 -17.88 -26.33
CA ALA B 269 16.03 -19.30 -26.67
C ALA B 269 14.68 -19.98 -26.49
N GLY B 270 13.83 -19.45 -25.60
CA GLY B 270 12.47 -19.97 -25.50
C GLY B 270 11.62 -19.63 -26.70
N LYS B 271 11.93 -18.54 -27.39
CA LYS B 271 11.18 -18.17 -28.60
C LYS B 271 11.63 -18.98 -29.81
N ILE B 272 12.93 -19.28 -29.90
CA ILE B 272 13.46 -20.02 -31.05
C ILE B 272 12.96 -21.46 -31.03
N ILE B 273 12.68 -22.00 -29.86
CA ILE B 273 12.12 -23.34 -29.77
C ILE B 273 10.69 -23.37 -30.31
N GLU B 274 9.91 -22.32 -30.02
CA GLU B 274 8.49 -22.32 -30.35
C GLU B 274 8.19 -21.90 -31.78
N VAL B 275 9.18 -21.44 -32.53
CA VAL B 275 8.93 -21.03 -33.90
C VAL B 275 8.95 -22.25 -34.82
N GLU B 276 8.14 -22.20 -35.88
CA GLU B 276 8.21 -23.15 -36.97
C GLU B 276 8.37 -22.49 -38.32
N ASP B 277 8.25 -21.17 -38.39
CA ASP B 277 8.21 -20.42 -39.63
C ASP B 277 9.49 -19.64 -39.83
N TRP B 278 9.54 -18.87 -40.91
CA TRP B 278 10.50 -17.80 -41.08
C TRP B 278 9.79 -16.46 -41.19
N GLU B 279 8.59 -16.38 -40.62
CA GLU B 279 7.73 -15.20 -40.72
C GLU B 279 7.88 -14.26 -39.54
N ILE B 280 8.40 -14.74 -38.41
CA ILE B 280 8.63 -13.88 -37.26
C ILE B 280 9.80 -12.94 -37.52
N PHE B 281 10.71 -13.31 -38.42
CA PHE B 281 11.84 -12.44 -38.73
C PHE B 281 11.47 -11.44 -39.82
N ARG B 282 10.46 -11.76 -40.63
CA ARG B 282 9.92 -10.76 -41.54
C ARG B 282 9.09 -9.73 -40.79
N LYS B 283 8.51 -10.11 -39.65
CA LYS B 283 7.80 -9.14 -38.83
C LYS B 283 8.76 -8.28 -38.03
N LEU B 284 9.89 -8.84 -37.61
CA LEU B 284 10.89 -8.05 -36.92
C LEU B 284 11.62 -7.12 -37.88
N GLY B 285 11.72 -7.53 -39.15
CA GLY B 285 12.30 -6.64 -40.15
C GLY B 285 11.37 -5.51 -40.52
N LEU B 286 10.07 -5.79 -40.55
CA LEU B 286 9.09 -4.75 -40.79
C LEU B 286 8.87 -3.87 -39.56
N TYR B 287 9.33 -4.31 -38.39
CA TYR B 287 9.28 -3.44 -37.22
C TYR B 287 10.43 -2.44 -37.22
N MET B 288 11.63 -2.87 -37.64
CA MET B 288 12.73 -1.92 -37.77
C MET B 288 12.49 -0.95 -38.91
N ALA B 289 11.79 -1.37 -39.96
CA ALA B 289 11.46 -0.48 -41.05
C ALA B 289 10.27 0.42 -40.75
N THR B 290 9.65 0.28 -39.58
CA THR B 290 8.64 1.20 -39.10
C THR B 290 9.23 2.25 -38.17
N VAL B 291 10.17 1.85 -37.32
CA VAL B 291 10.86 2.80 -36.45
C VAL B 291 11.78 3.70 -37.26
N LEU B 292 12.55 3.11 -38.19
CA LEU B 292 13.46 3.90 -39.01
C LEU B 292 12.72 4.78 -40.01
N THR B 293 11.50 4.40 -40.39
CA THR B 293 10.67 5.31 -41.17
C THR B 293 10.17 6.44 -40.29
N GLY B 294 9.77 6.13 -39.07
CA GLY B 294 9.30 7.16 -38.15
C GLY B 294 10.39 8.12 -37.72
N LEU B 295 11.61 7.60 -37.53
CA LEU B 295 12.73 8.48 -37.19
C LEU B 295 13.19 9.30 -38.39
N ALA B 296 12.88 8.88 -39.61
CA ALA B 296 13.25 9.66 -40.78
C ALA B 296 12.21 10.73 -41.09
N ILE B 297 10.93 10.44 -40.88
CA ILE B 297 9.89 11.45 -41.08
C ILE B 297 9.96 12.51 -40.00
N HIS B 298 10.28 12.11 -38.77
CA HIS B 298 10.33 13.07 -37.67
C HIS B 298 11.53 14.00 -37.76
N SER B 299 12.65 13.52 -38.32
CA SER B 299 13.87 14.30 -38.31
C SER B 299 14.09 15.10 -39.59
N ILE B 300 13.38 14.80 -40.66
CA ILE B 300 13.54 15.50 -41.94
C ILE B 300 12.29 16.28 -42.29
N VAL B 301 11.10 15.76 -42.00
CA VAL B 301 9.86 16.38 -42.41
C VAL B 301 9.19 17.14 -41.28
N ILE B 302 9.22 16.62 -40.06
CA ILE B 302 8.47 17.22 -38.97
C ILE B 302 9.28 18.29 -38.24
N LEU B 303 10.42 17.91 -37.68
CA LEU B 303 11.21 18.84 -36.88
C LEU B 303 11.85 19.99 -37.67
N PRO B 304 12.22 19.84 -38.95
CA PRO B 304 12.51 21.06 -39.72
C PRO B 304 11.29 21.91 -40.02
N LEU B 305 10.10 21.33 -40.09
CA LEU B 305 8.92 22.15 -40.39
C LEU B 305 8.51 22.98 -39.18
N ILE B 306 8.62 22.42 -37.98
CA ILE B 306 8.27 23.15 -36.76
C ILE B 306 9.24 24.31 -36.54
N TYR B 307 10.51 24.13 -36.94
CA TYR B 307 11.44 25.24 -36.95
C TYR B 307 11.03 26.31 -37.95
N PHE B 308 10.60 25.91 -39.14
CA PHE B 308 10.29 26.86 -40.20
C PHE B 308 8.96 27.58 -39.99
N ILE B 309 8.05 27.03 -39.19
CA ILE B 309 6.81 27.74 -38.87
C ILE B 309 7.10 28.95 -38.01
N VAL B 310 7.98 28.82 -37.01
CA VAL B 310 8.22 29.93 -36.10
C VAL B 310 9.51 30.70 -36.40
N VAL B 311 10.48 30.08 -37.06
CA VAL B 311 11.73 30.73 -37.42
C VAL B 311 11.91 30.53 -38.93
N ARG B 312 11.75 31.60 -39.70
CA ARG B 312 11.90 31.53 -41.15
C ARG B 312 13.39 31.69 -41.49
N LYS B 313 14.16 30.63 -41.20
CA LYS B 313 15.60 30.76 -41.32
C LYS B 313 16.25 29.50 -41.87
N ASN B 314 15.55 28.78 -42.77
CA ASN B 314 16.03 27.62 -43.52
C ASN B 314 16.57 26.49 -42.65
N PRO B 315 15.70 25.64 -42.09
CA PRO B 315 16.12 24.71 -41.03
C PRO B 315 17.19 23.70 -41.41
N PHE B 316 17.39 23.44 -42.70
CA PHE B 316 18.43 22.48 -43.10
C PHE B 316 19.82 23.09 -43.03
N ARG B 317 19.91 24.42 -43.17
CA ARG B 317 21.18 25.10 -42.90
C ARG B 317 21.50 25.09 -41.41
N PHE B 318 20.48 25.08 -40.58
CA PHE B 318 20.67 24.92 -39.14
C PHE B 318 21.16 23.52 -38.80
N ALA B 319 20.74 22.50 -39.56
CA ALA B 319 21.13 21.13 -39.28
C ALA B 319 22.57 20.80 -39.70
N MET B 320 23.07 21.40 -40.78
CA MET B 320 24.47 21.17 -41.16
C MET B 320 25.42 21.82 -40.17
N GLY B 321 24.98 22.87 -39.48
CA GLY B 321 25.77 23.46 -38.42
C GLY B 321 25.85 22.61 -37.16
N MET B 322 25.02 21.58 -37.06
CA MET B 322 25.00 20.65 -35.94
C MET B 322 25.70 19.34 -36.30
N ALA B 323 26.44 19.32 -37.41
CA ALA B 323 26.95 18.07 -37.97
C ALA B 323 28.01 17.43 -37.09
N GLN B 324 28.73 18.21 -36.29
CA GLN B 324 29.70 17.60 -35.40
C GLN B 324 29.03 16.95 -34.20
N ALA B 325 27.86 17.43 -33.81
CA ALA B 325 27.13 16.84 -32.69
C ALA B 325 26.34 15.59 -33.05
N LEU B 326 25.95 15.41 -34.32
CA LEU B 326 25.18 14.22 -34.63
C LEU B 326 26.05 12.98 -34.74
N LEU B 327 27.25 13.14 -35.30
CA LEU B 327 28.17 11.99 -35.47
C LEU B 327 28.61 11.48 -34.09
N THR B 328 28.94 12.39 -33.17
CA THR B 328 29.37 11.94 -31.85
C THR B 328 28.23 11.44 -31.00
N ALA B 329 26.98 11.66 -31.43
CA ALA B 329 25.85 11.02 -30.78
C ALA B 329 25.69 9.58 -31.25
N LEU B 330 26.35 9.20 -32.33
CA LEU B 330 26.40 7.82 -32.80
C LEU B 330 27.51 7.04 -32.12
N MET B 331 28.68 7.65 -31.93
CA MET B 331 29.79 6.93 -31.33
C MET B 331 29.57 6.71 -29.84
N ILE B 332 29.29 7.79 -29.10
CA ILE B 332 29.06 7.69 -27.67
C ILE B 332 27.73 7.02 -27.36
N SER B 333 26.70 7.26 -28.20
CA SER B 333 25.33 6.73 -28.05
C SER B 333 24.72 7.11 -26.71
N SER B 334 25.00 8.33 -26.25
CA SER B 334 24.42 8.86 -25.02
C SER B 334 24.06 10.31 -25.26
N SER B 335 22.82 10.68 -24.94
CA SER B 335 22.39 12.05 -25.20
C SER B 335 22.92 13.04 -24.17
N SER B 336 23.28 12.56 -22.98
CA SER B 336 23.84 13.42 -21.95
C SER B 336 25.36 13.53 -22.02
N ALA B 337 26.03 12.52 -22.57
CA ALA B 337 27.49 12.53 -22.67
C ALA B 337 28.00 13.25 -23.92
N THR B 338 27.11 13.71 -24.80
CA THR B 338 27.48 14.55 -25.93
C THR B 338 27.16 16.00 -25.68
N LEU B 339 26.91 16.37 -24.43
CA LEU B 339 26.61 17.75 -24.11
C LEU B 339 27.77 18.72 -24.39
N PRO B 340 29.02 18.53 -23.92
CA PRO B 340 30.03 19.58 -24.14
C PRO B 340 30.48 19.76 -25.59
N VAL B 341 30.11 18.86 -26.50
CA VAL B 341 30.34 19.12 -27.91
C VAL B 341 29.16 19.88 -28.51
N THR B 342 27.93 19.52 -28.13
CA THR B 342 26.76 20.18 -28.70
C THR B 342 26.50 21.54 -28.07
N PHE B 343 27.14 21.85 -26.93
CA PHE B 343 27.15 23.23 -26.44
C PHE B 343 27.87 24.13 -27.43
N ARG B 344 29.11 23.80 -27.76
CA ARG B 344 29.89 24.67 -28.62
C ARG B 344 29.44 24.57 -30.08
N CYS B 345 28.96 23.40 -30.52
CA CYS B 345 28.57 23.21 -31.92
C CYS B 345 27.30 23.97 -32.26
N ALA B 346 26.54 24.39 -31.25
CA ALA B 346 25.41 25.27 -31.48
C ALA B 346 25.88 26.72 -31.56
N GLU B 347 26.87 27.08 -30.73
CA GLU B 347 27.32 28.46 -30.60
C GLU B 347 28.40 28.81 -31.62
N GLU B 348 29.33 27.89 -31.89
CA GLU B 348 30.40 28.17 -32.84
C GLU B 348 29.91 28.24 -34.28
N ASN B 349 28.76 27.63 -34.59
CA ASN B 349 28.32 27.51 -35.97
C ASN B 349 27.04 28.26 -36.24
N ASN B 350 25.99 28.06 -35.45
CA ASN B 350 24.69 28.62 -35.75
C ASN B 350 24.41 29.90 -34.98
N GLN B 351 25.38 30.40 -34.22
CA GLN B 351 25.37 31.74 -33.61
C GLN B 351 24.20 31.93 -32.65
N VAL B 352 23.86 30.87 -31.94
CA VAL B 352 22.78 30.92 -30.95
C VAL B 352 23.32 31.60 -29.70
N ASP B 353 22.43 32.22 -28.93
CA ASP B 353 22.83 32.92 -27.72
C ASP B 353 23.27 31.93 -26.63
N LYS B 354 24.25 32.36 -25.84
CA LYS B 354 24.79 31.54 -24.78
C LYS B 354 23.87 31.44 -23.57
N ARG B 355 22.94 32.38 -23.41
CA ARG B 355 22.02 32.33 -22.29
C ARG B 355 20.94 31.27 -22.48
N ILE B 356 20.54 31.00 -23.71
CA ILE B 356 19.53 29.99 -23.99
C ILE B 356 20.15 28.59 -24.03
N THR B 357 21.39 28.50 -24.51
CA THR B 357 22.04 27.19 -24.66
C THR B 357 22.38 26.60 -23.29
N ARG B 358 22.70 27.43 -22.31
CA ARG B 358 23.09 26.95 -20.99
C ARG B 358 21.91 26.43 -20.18
N PHE B 359 20.68 26.62 -20.65
CA PHE B 359 19.50 26.06 -20.03
C PHE B 359 18.82 24.97 -20.85
N VAL B 360 18.67 25.21 -22.16
CA VAL B 360 17.84 24.34 -23.01
C VAL B 360 18.49 22.98 -23.19
N LEU B 361 19.77 22.96 -23.53
CA LEU B 361 20.52 21.72 -23.72
C LEU B 361 20.77 20.89 -22.45
N PRO B 362 21.03 21.47 -21.26
CA PRO B 362 21.13 20.59 -20.06
C PRO B 362 19.83 19.88 -19.71
N VAL B 363 18.73 20.61 -19.63
CA VAL B 363 17.44 19.99 -19.27
C VAL B 363 16.82 19.23 -20.43
N GLY B 364 17.31 19.45 -21.66
CA GLY B 364 16.72 18.78 -22.80
C GLY B 364 17.27 17.39 -23.08
N ALA B 365 18.48 17.11 -22.59
CA ALA B 365 19.07 15.79 -22.82
C ALA B 365 18.45 14.71 -21.95
N THR B 366 17.68 15.08 -20.92
CA THR B 366 16.98 14.12 -20.08
C THR B 366 15.47 14.27 -20.12
N ILE B 367 14.92 15.26 -20.84
CA ILE B 367 13.49 15.44 -20.98
C ILE B 367 13.04 15.28 -22.42
N ASN B 368 13.68 15.99 -23.35
CA ASN B 368 13.30 15.88 -24.74
C ASN B 368 13.80 14.56 -25.30
N MET B 369 12.95 13.54 -25.25
CA MET B 369 13.26 12.23 -25.80
C MET B 369 12.28 11.98 -26.93
N ASP B 370 12.61 12.46 -28.13
CA ASP B 370 11.69 12.32 -29.25
C ASP B 370 11.83 10.96 -29.92
N GLY B 371 13.07 10.47 -30.06
CA GLY B 371 13.27 9.16 -30.67
C GLY B 371 12.88 8.02 -29.77
N THR B 372 12.99 8.19 -28.45
CA THR B 372 12.61 7.13 -27.52
C THR B 372 11.09 7.01 -27.43
N ALA B 373 10.40 8.15 -27.38
CA ALA B 373 8.93 8.16 -27.28
C ALA B 373 8.27 7.55 -28.51
N LEU B 374 8.81 7.85 -29.68
CA LEU B 374 8.24 7.32 -30.95
C LEU B 374 8.46 5.81 -30.99
N TYR B 375 9.65 5.36 -30.57
CA TYR B 375 10.02 3.95 -30.57
C TYR B 375 9.18 3.15 -29.61
N GLU B 376 8.92 3.70 -28.42
CA GLU B 376 8.08 3.01 -27.44
C GLU B 376 6.64 2.90 -27.92
N ALA B 377 6.14 3.94 -28.59
CA ALA B 377 4.78 3.89 -29.16
C ALA B 377 4.66 2.84 -30.25
N VAL B 378 5.69 2.70 -31.09
CA VAL B 378 5.66 1.72 -32.17
C VAL B 378 5.79 0.31 -31.63
N ALA B 379 6.68 0.12 -30.65
CA ALA B 379 6.99 -1.22 -30.17
C ALA B 379 5.83 -1.82 -29.38
N ALA B 380 5.04 -0.98 -28.71
CA ALA B 380 3.93 -1.49 -27.92
C ALA B 380 2.75 -1.90 -28.78
N VAL B 381 2.51 -1.20 -29.88
CA VAL B 381 1.44 -1.62 -30.79
C VAL B 381 1.90 -2.79 -31.65
N PHE B 382 3.21 -2.90 -31.89
CA PHE B 382 3.74 -4.07 -32.58
C PHE B 382 3.59 -5.34 -31.76
N ILE B 383 3.74 -5.23 -30.43
CA ILE B 383 3.45 -6.37 -29.56
C ILE B 383 1.94 -6.64 -29.54
N ALA B 384 1.15 -5.58 -29.57
CA ALA B 384 -0.30 -5.71 -29.62
C ALA B 384 -0.83 -6.13 -30.99
N GLN B 385 0.03 -6.16 -32.01
CA GLN B 385 -0.32 -6.80 -33.27
C GLN B 385 0.32 -8.17 -33.43
N LEU B 386 1.39 -8.45 -32.70
CA LEU B 386 1.98 -9.79 -32.69
C LEU B 386 1.03 -10.80 -32.06
N ASN B 387 0.64 -10.54 -30.82
CA ASN B 387 -0.55 -11.15 -30.24
C ASN B 387 -1.76 -10.44 -30.83
N ASP B 388 -2.69 -11.21 -31.39
CA ASP B 388 -3.66 -10.66 -32.33
C ASP B 388 -4.72 -9.79 -31.64
N LEU B 389 -4.44 -8.49 -31.57
CA LEU B 389 -5.37 -7.51 -31.02
C LEU B 389 -5.41 -6.30 -31.95
N ASP B 390 -6.26 -5.33 -31.61
CA ASP B 390 -6.35 -4.08 -32.35
C ASP B 390 -6.44 -2.87 -31.43
N LEU B 391 -6.59 -3.07 -30.12
CA LEU B 391 -6.50 -2.09 -29.04
C LEU B 391 -7.67 -1.11 -28.97
N GLY B 392 -8.52 -1.09 -29.99
CA GLY B 392 -9.62 -0.14 -30.02
C GLY B 392 -9.11 1.29 -30.13
N ILE B 393 -9.63 2.15 -29.26
CA ILE B 393 -9.10 3.50 -29.10
C ILE B 393 -8.78 3.86 -27.66
N GLY B 394 -9.35 3.18 -26.66
CA GLY B 394 -9.03 3.48 -25.28
C GLY B 394 -7.67 3.00 -24.85
N GLN B 395 -7.12 1.99 -25.53
CA GLN B 395 -5.77 1.54 -25.27
C GLN B 395 -4.72 2.29 -26.08
N ILE B 396 -5.11 2.92 -27.18
CA ILE B 396 -4.15 3.68 -27.98
C ILE B 396 -3.81 5.00 -27.29
N ILE B 397 -4.79 5.63 -26.65
CA ILE B 397 -4.54 6.83 -25.86
C ILE B 397 -3.71 6.49 -24.62
N THR B 398 -3.86 5.26 -24.09
CA THR B 398 -3.04 4.84 -22.97
C THR B 398 -1.58 4.65 -23.37
N ILE B 399 -1.33 4.25 -24.62
CA ILE B 399 0.02 4.28 -25.17
C ILE B 399 0.51 5.72 -25.28
N SER B 400 -0.34 6.62 -25.78
CA SER B 400 0.11 7.97 -26.11
C SER B 400 0.35 8.85 -24.90
N ILE B 401 -0.18 8.48 -23.74
CA ILE B 401 0.11 9.24 -22.52
C ILE B 401 1.31 8.65 -21.80
N THR B 402 1.41 7.32 -21.74
CA THR B 402 2.47 6.68 -20.98
C THR B 402 3.82 6.78 -21.70
N ALA B 403 3.80 6.71 -23.03
CA ALA B 403 5.04 6.91 -23.78
C ALA B 403 5.48 8.36 -23.76
N THR B 404 4.52 9.29 -23.66
CA THR B 404 4.88 10.70 -23.56
C THR B 404 5.42 11.02 -22.18
N SER B 405 4.79 10.48 -21.15
CA SER B 405 5.25 10.70 -19.78
C SER B 405 6.43 9.81 -19.38
N ALA B 406 6.91 8.94 -20.26
CA ALA B 406 8.12 8.18 -19.94
C ALA B 406 9.38 9.03 -20.00
N SER B 407 9.30 10.26 -20.53
CA SER B 407 10.40 11.21 -20.40
C SER B 407 10.62 11.60 -18.95
N ILE B 408 9.54 11.85 -18.21
CA ILE B 408 9.64 12.21 -16.81
C ILE B 408 9.76 10.96 -15.94
N GLY B 409 9.10 9.87 -16.35
CA GLY B 409 9.05 8.63 -15.58
C GLY B 409 10.35 7.85 -15.52
N ALA B 410 11.36 8.26 -16.27
CA ALA B 410 12.73 7.77 -16.12
C ALA B 410 13.60 8.99 -15.90
N ALA B 411 14.15 9.12 -14.69
CA ALA B 411 14.80 10.36 -14.26
C ALA B 411 16.22 10.47 -14.84
N GLY B 412 16.27 10.68 -16.16
CA GLY B 412 17.51 10.94 -16.86
C GLY B 412 18.53 9.82 -16.83
N VAL B 413 18.09 8.59 -17.04
CA VAL B 413 18.97 7.42 -16.97
C VAL B 413 18.83 6.60 -18.24
N PRO B 414 19.94 6.26 -18.92
CA PRO B 414 19.83 5.39 -20.11
C PRO B 414 19.64 3.93 -19.77
N GLN B 415 19.70 3.55 -18.48
CA GLN B 415 19.43 2.18 -18.08
C GLN B 415 17.97 1.84 -18.29
N ALA B 416 17.08 2.77 -17.95
CA ALA B 416 15.64 2.58 -17.87
C ALA B 416 14.94 2.53 -19.23
N GLY B 417 15.66 2.29 -20.33
CA GLY B 417 15.00 2.15 -21.61
C GLY B 417 14.16 0.90 -21.72
N LEU B 418 14.59 -0.19 -21.06
CA LEU B 418 13.81 -1.42 -21.08
C LEU B 418 12.63 -1.36 -20.12
N VAL B 419 12.83 -0.78 -18.94
CA VAL B 419 11.78 -0.81 -17.93
C VAL B 419 10.68 0.19 -18.26
N THR B 420 10.97 1.23 -19.05
CA THR B 420 9.90 2.10 -19.51
C THR B 420 9.07 1.45 -20.60
N MET B 421 9.62 0.47 -21.31
CA MET B 421 8.78 -0.32 -22.21
C MET B 421 7.84 -1.22 -21.43
N VAL B 422 8.27 -1.73 -20.28
CA VAL B 422 7.40 -2.56 -19.46
C VAL B 422 6.28 -1.71 -18.86
N ILE B 423 6.54 -0.43 -18.60
CA ILE B 423 5.49 0.47 -18.11
C ILE B 423 4.45 0.69 -19.18
N VAL B 424 4.87 0.81 -20.44
CA VAL B 424 3.94 1.03 -21.54
C VAL B 424 3.15 -0.25 -21.84
N LEU B 425 3.80 -1.41 -21.73
CA LEU B 425 3.10 -2.67 -21.96
C LEU B 425 2.16 -3.02 -20.80
N SER B 426 2.49 -2.61 -19.59
CA SER B 426 1.62 -2.87 -18.45
C SER B 426 0.49 -1.87 -18.35
N ALA B 427 0.61 -0.72 -19.01
CA ALA B 427 -0.45 0.27 -18.99
C ALA B 427 -1.67 -0.22 -19.77
N VAL B 428 -1.46 -1.08 -20.75
CA VAL B 428 -2.54 -1.65 -21.54
C VAL B 428 -2.93 -3.03 -21.03
N GLY B 429 -1.95 -3.89 -20.78
CA GLY B 429 -2.23 -5.24 -20.33
C GLY B 429 -1.63 -6.27 -21.25
N LEU B 430 -0.67 -5.84 -22.04
CA LEU B 430 -0.02 -6.70 -23.02
C LEU B 430 0.96 -7.65 -22.33
N PRO B 431 1.22 -8.81 -22.93
CA PRO B 431 2.18 -9.75 -22.34
C PRO B 431 3.59 -9.18 -22.39
N ALA B 432 4.22 -9.06 -21.23
CA ALA B 432 5.56 -8.50 -21.13
C ALA B 432 6.66 -9.45 -21.55
N GLU B 433 6.37 -10.74 -21.70
CA GLU B 433 7.39 -11.70 -22.11
C GLU B 433 7.77 -11.54 -23.59
N ASP B 434 6.95 -10.85 -24.38
CA ASP B 434 7.26 -10.57 -25.77
C ASP B 434 8.19 -9.38 -25.97
N VAL B 435 8.74 -8.79 -24.91
CA VAL B 435 9.64 -7.65 -25.04
C VAL B 435 11.04 -8.07 -25.48
N THR B 436 11.33 -9.38 -25.50
CA THR B 436 12.64 -9.83 -25.95
C THR B 436 12.82 -9.69 -27.45
N LEU B 437 11.72 -9.73 -28.21
CA LEU B 437 11.82 -9.42 -29.63
C LEU B 437 12.07 -7.94 -29.87
N ILE B 438 11.70 -7.08 -28.92
CA ILE B 438 12.08 -5.68 -29.00
C ILE B 438 13.55 -5.53 -28.65
N ILE B 439 14.02 -6.28 -27.65
CA ILE B 439 15.40 -6.17 -27.17
C ILE B 439 16.37 -6.75 -28.20
N ALA B 440 15.97 -7.82 -28.90
CA ALA B 440 16.85 -8.50 -29.86
C ALA B 440 17.20 -7.62 -31.04
N VAL B 441 16.40 -6.61 -31.36
CA VAL B 441 16.74 -5.65 -32.40
C VAL B 441 16.90 -4.24 -31.85
N ASP B 442 16.98 -4.11 -30.51
CA ASP B 442 17.12 -2.78 -29.91
C ASP B 442 18.50 -2.20 -30.11
N TRP B 443 19.53 -3.05 -30.15
CA TRP B 443 20.90 -2.56 -30.33
C TRP B 443 21.12 -1.99 -31.72
N LEU B 444 20.33 -2.42 -32.70
CA LEU B 444 20.42 -1.86 -34.04
C LEU B 444 19.83 -0.46 -34.08
N LEU B 445 18.76 -0.22 -33.32
CA LEU B 445 18.01 1.02 -33.41
C LEU B 445 18.40 2.03 -32.34
N ASP B 446 19.15 1.61 -31.31
CA ASP B 446 19.43 2.50 -30.18
C ASP B 446 20.39 3.61 -30.58
N ARG B 447 21.21 3.34 -31.60
CA ARG B 447 22.12 4.36 -32.12
C ARG B 447 21.34 5.49 -32.78
N PHE B 448 20.29 5.14 -33.51
CA PHE B 448 19.48 6.11 -34.26
C PHE B 448 18.46 6.83 -33.39
N ARG B 449 18.10 6.28 -32.22
CA ARG B 449 17.24 7.03 -31.30
C ARG B 449 17.97 8.20 -30.68
N THR B 450 19.26 8.05 -30.40
CA THR B 450 20.02 9.11 -29.76
C THR B 450 20.29 10.25 -30.75
N MET B 451 20.31 9.95 -32.05
CA MET B 451 20.48 11.00 -33.05
C MET B 451 19.22 11.88 -33.14
N VAL B 452 18.04 11.29 -32.99
CA VAL B 452 16.82 12.08 -32.98
C VAL B 452 16.66 12.79 -31.65
N ASN B 453 17.16 12.21 -30.56
CA ASN B 453 17.04 12.81 -29.24
C ASN B 453 17.88 14.07 -29.11
N VAL B 454 19.00 14.15 -29.82
CA VAL B 454 19.81 15.36 -29.82
C VAL B 454 19.44 16.33 -30.93
N LEU B 455 18.68 15.89 -31.93
CA LEU B 455 18.23 16.82 -32.97
C LEU B 455 17.06 17.67 -32.51
N GLY B 456 16.18 17.12 -31.68
CA GLY B 456 15.13 17.93 -31.08
C GLY B 456 15.68 18.90 -30.04
N ASP B 457 16.80 18.55 -29.41
CA ASP B 457 17.48 19.49 -28.54
C ASP B 457 18.16 20.59 -29.34
N ALA B 458 18.72 20.25 -30.50
CA ALA B 458 19.38 21.24 -31.34
C ALA B 458 18.39 22.24 -31.91
N PHE B 459 17.27 21.76 -32.45
CA PHE B 459 16.22 22.62 -32.99
C PHE B 459 15.48 23.42 -31.92
N GLY B 460 15.64 23.06 -30.64
CA GLY B 460 15.02 23.82 -29.58
C GLY B 460 15.71 25.11 -29.27
N THR B 461 17.02 25.18 -29.50
CA THR B 461 17.75 26.43 -29.28
C THR B 461 17.36 27.51 -30.28
N GLY B 462 17.03 27.13 -31.51
CA GLY B 462 16.61 28.10 -32.50
C GLY B 462 15.17 28.54 -32.35
N ILE B 463 14.31 27.68 -31.82
CA ILE B 463 12.88 27.99 -31.71
C ILE B 463 12.61 28.86 -30.50
N VAL B 464 13.24 28.55 -29.36
CA VAL B 464 13.02 29.29 -28.12
C VAL B 464 13.62 30.69 -28.23
N GLU B 465 14.66 30.86 -29.06
CA GLU B 465 15.31 32.15 -29.22
C GLU B 465 14.40 33.15 -29.93
N LYS B 466 13.67 32.71 -30.95
CA LYS B 466 12.75 33.63 -31.62
C LYS B 466 11.55 33.96 -30.76
N LEU B 467 11.09 33.01 -29.93
CA LEU B 467 9.97 33.30 -29.04
C LEU B 467 10.39 34.20 -27.88
N SER B 468 11.65 34.17 -27.49
CA SER B 468 12.13 34.93 -26.35
C SER B 468 13.16 35.97 -26.75
N LYS B 469 12.91 36.67 -27.87
CA LYS B 469 13.84 37.71 -28.29
C LYS B 469 13.73 38.97 -27.45
N LYS B 470 12.58 39.20 -26.80
CA LYS B 470 12.42 40.32 -25.88
C LYS B 470 13.07 40.07 -24.54
N GLU B 471 13.24 38.81 -24.16
CA GLU B 471 13.92 38.41 -22.93
C GLU B 471 15.44 38.41 -23.05
N LEU B 472 16.00 38.66 -24.24
CA LEU B 472 17.44 38.71 -24.39
C LEU B 472 18.00 40.11 -24.54
N GLU B 473 17.15 41.12 -24.63
CA GLU B 473 17.58 42.52 -24.49
C GLU B 473 17.31 43.08 -23.10
N GLN B 474 16.66 42.34 -22.22
CA GLN B 474 16.32 42.86 -20.90
C GLN B 474 17.08 42.21 -19.75
N MET B 475 17.38 40.91 -19.83
CA MET B 475 18.00 40.24 -18.69
C MET B 475 19.49 40.58 -18.54
N ASP B 476 20.14 41.04 -19.61
CA ASP B 476 21.56 41.37 -19.60
C ASP B 476 21.87 42.56 -18.68
N TRP C 21 7.97 -9.44 35.06
CA TRP C 21 6.52 -9.26 35.09
C TRP C 21 5.80 -10.03 33.98
N VAL C 22 6.35 -9.98 32.77
CA VAL C 22 5.64 -10.54 31.62
C VAL C 22 5.66 -12.06 31.64
N LEU C 23 6.63 -12.68 32.30
CA LEU C 23 6.63 -14.12 32.51
C LEU C 23 5.63 -14.51 33.59
N LEU C 24 5.54 -13.70 34.65
CA LEU C 24 4.63 -13.99 35.74
C LEU C 24 3.17 -13.81 35.32
N SER C 25 2.90 -12.91 34.39
CA SER C 25 1.53 -12.66 33.95
C SER C 25 1.10 -13.50 32.75
N THR C 26 1.98 -14.31 32.18
CA THR C 26 1.55 -15.28 31.17
C THR C 26 1.31 -16.66 31.77
N VAL C 27 2.11 -17.08 32.75
CA VAL C 27 1.83 -18.29 33.51
C VAL C 27 0.51 -18.17 34.26
N ALA C 28 0.20 -16.96 34.75
CA ALA C 28 -1.11 -16.72 35.34
C ALA C 28 -2.22 -16.78 34.30
N ALA C 29 -1.91 -16.43 33.05
CA ALA C 29 -2.92 -16.53 31.99
C ALA C 29 -3.16 -17.97 31.57
N VAL C 30 -2.16 -18.84 31.66
CA VAL C 30 -2.33 -20.23 31.28
C VAL C 30 -3.06 -21.00 32.38
N VAL C 31 -2.75 -20.73 33.64
CA VAL C 31 -3.38 -21.43 34.74
C VAL C 31 -4.84 -21.02 34.89
N LEU C 32 -5.12 -19.71 34.80
CA LEU C 32 -6.50 -19.26 34.83
C LEU C 32 -7.24 -19.49 33.53
N GLY C 33 -6.55 -19.91 32.47
CA GLY C 33 -7.22 -20.31 31.24
C GLY C 33 -7.53 -21.79 31.25
N ILE C 34 -6.75 -22.55 32.01
CA ILE C 34 -7.03 -23.96 32.21
C ILE C 34 -8.13 -24.14 33.24
N THR C 35 -8.11 -23.33 34.30
CA THR C 35 -9.14 -23.40 35.34
C THR C 35 -10.49 -22.93 34.80
N THR C 36 -10.50 -21.95 33.90
CA THR C 36 -11.74 -21.56 33.25
C THR C 36 -12.19 -22.63 32.25
N GLY C 37 -11.23 -23.23 31.55
CA GLY C 37 -11.53 -24.22 30.53
C GLY C 37 -12.06 -25.54 31.05
N VAL C 38 -11.86 -25.83 32.34
CA VAL C 38 -12.39 -27.04 32.94
C VAL C 38 -13.59 -26.80 33.82
N LEU C 39 -13.87 -25.56 34.19
CA LEU C 39 -15.12 -25.24 34.88
C LEU C 39 -16.24 -24.84 33.92
N VAL C 40 -15.94 -24.70 32.63
CA VAL C 40 -16.96 -24.43 31.63
C VAL C 40 -17.32 -25.69 30.85
N ARG C 41 -16.31 -26.49 30.46
CA ARG C 41 -16.57 -27.73 29.73
C ARG C 41 -17.28 -28.76 30.59
N GLU C 42 -16.89 -28.88 31.85
CA GLU C 42 -17.44 -29.91 32.71
C GLU C 42 -18.74 -29.49 33.40
N HIS C 43 -19.03 -28.20 33.43
CA HIS C 43 -20.21 -27.71 34.14
C HIS C 43 -21.24 -27.05 33.23
N SER C 44 -21.07 -27.15 31.91
CA SER C 44 -22.00 -26.54 30.97
C SER C 44 -21.94 -27.31 29.65
N ASN C 45 -22.66 -26.80 28.66
CA ASN C 45 -22.70 -27.43 27.34
C ASN C 45 -22.96 -26.32 26.33
N LEU C 46 -21.93 -25.97 25.57
CA LEU C 46 -22.03 -24.94 24.54
C LEU C 46 -22.14 -25.58 23.16
N SER C 47 -22.73 -24.84 22.23
CA SER C 47 -22.87 -25.29 20.85
C SER C 47 -21.62 -24.92 20.06
N THR C 48 -21.69 -25.07 18.73
CA THR C 48 -20.58 -24.62 17.89
C THR C 48 -20.52 -23.09 17.79
N LEU C 49 -21.60 -22.41 18.14
CA LEU C 49 -21.67 -20.96 18.06
C LEU C 49 -21.13 -20.31 19.32
N GLU C 50 -21.52 -20.83 20.49
CA GLU C 50 -21.06 -20.26 21.74
C GLU C 50 -19.59 -20.56 21.99
N LYS C 51 -19.05 -21.62 21.38
CA LYS C 51 -17.62 -21.86 21.47
C LYS C 51 -16.83 -20.90 20.59
N PHE C 52 -17.48 -20.27 19.62
CA PHE C 52 -16.80 -19.24 18.83
C PHE C 52 -16.84 -17.88 19.51
N TYR C 53 -17.93 -17.56 20.19
CA TYR C 53 -17.98 -16.29 20.91
C TYR C 53 -17.17 -16.32 22.19
N PHE C 54 -16.91 -17.49 22.76
CA PHE C 54 -16.09 -17.56 23.96
C PHE C 54 -14.63 -17.27 23.64
N ALA C 55 -14.15 -17.70 22.47
CA ALA C 55 -12.78 -17.46 22.06
C ALA C 55 -12.63 -16.19 21.22
N PHE C 56 -13.55 -15.24 21.37
CA PHE C 56 -13.47 -14.00 20.61
C PHE C 56 -12.42 -12.99 21.13
N PRO C 57 -12.18 -12.81 22.45
CA PRO C 57 -11.05 -11.96 22.83
C PRO C 57 -9.69 -12.50 22.46
N GLY C 58 -9.57 -13.80 22.16
CA GLY C 58 -8.33 -14.34 21.67
C GLY C 58 -8.22 -14.23 20.17
N GLU C 59 -9.37 -14.15 19.50
CA GLU C 59 -9.37 -13.94 18.06
C GLU C 59 -8.97 -12.51 17.71
N ILE C 60 -9.28 -11.56 18.59
CA ILE C 60 -8.84 -10.17 18.39
C ILE C 60 -7.33 -10.07 18.56
N LEU C 61 -6.76 -10.82 19.50
CA LEU C 61 -5.31 -10.85 19.66
C LEU C 61 -4.63 -11.48 18.46
N MET C 62 -5.25 -12.48 17.85
CA MET C 62 -4.64 -13.15 16.71
C MET C 62 -4.63 -12.29 15.47
N ARG C 63 -5.51 -11.28 15.38
CA ARG C 63 -5.45 -10.34 14.28
C ARG C 63 -4.83 -9.02 14.67
N MET C 64 -4.59 -8.77 15.95
CA MET C 64 -3.70 -7.68 16.33
C MET C 64 -2.25 -8.07 16.08
N LEU C 65 -1.93 -9.36 16.16
CA LEU C 65 -0.57 -9.81 15.86
C LEU C 65 -0.29 -9.76 14.37
N LYS C 66 -1.23 -10.23 13.54
CA LYS C 66 -1.07 -10.17 12.09
C LYS C 66 -1.09 -8.74 11.56
N LEU C 67 -1.71 -7.81 12.30
CA LEU C 67 -1.73 -6.41 11.87
C LEU C 67 -0.34 -5.80 11.88
N ILE C 68 0.48 -6.19 12.86
CA ILE C 68 1.75 -5.50 13.08
C ILE C 68 2.92 -6.15 12.34
N ILE C 69 2.74 -7.35 11.78
CA ILE C 69 3.87 -8.02 11.13
C ILE C 69 4.24 -7.38 9.81
N LEU C 70 3.36 -6.62 9.21
CA LEU C 70 3.72 -5.97 7.94
C LEU C 70 4.62 -4.74 8.14
N PRO C 71 4.37 -3.80 9.06
CA PRO C 71 5.40 -2.78 9.28
C PRO C 71 6.58 -3.27 10.09
N LEU C 72 6.48 -4.43 10.73
CA LEU C 72 7.62 -4.97 11.46
C LEU C 72 8.63 -5.59 10.51
N ILE C 73 8.15 -6.32 9.51
CA ILE C 73 9.03 -6.92 8.51
C ILE C 73 9.72 -5.84 7.69
N ILE C 74 8.96 -4.82 7.29
CA ILE C 74 9.49 -3.80 6.37
C ILE C 74 10.51 -2.92 7.07
N SER C 75 10.20 -2.46 8.28
CA SER C 75 11.08 -1.51 8.95
C SER C 75 12.32 -2.16 9.54
N SER C 76 12.20 -3.37 10.07
CA SER C 76 13.35 -4.01 10.69
C SER C 76 14.32 -4.59 9.68
N MET C 77 13.83 -4.97 8.49
CA MET C 77 14.74 -5.43 7.45
C MET C 77 15.51 -4.29 6.83
N ILE C 78 14.86 -3.15 6.60
CA ILE C 78 15.54 -2.02 5.98
C ILE C 78 16.54 -1.40 6.94
N THR C 79 16.19 -1.33 8.22
CA THR C 79 17.10 -0.71 9.18
C THR C 79 18.18 -1.68 9.65
N GLY C 80 17.87 -2.97 9.74
CA GLY C 80 18.85 -3.92 10.21
C GLY C 80 19.93 -4.20 9.19
N VAL C 81 19.57 -4.22 7.92
CA VAL C 81 20.57 -4.44 6.88
C VAL C 81 21.41 -3.18 6.66
N ALA C 82 20.78 -2.00 6.73
CA ALA C 82 21.54 -0.76 6.59
C ALA C 82 22.38 -0.46 7.82
N ALA C 83 22.06 -1.05 8.98
CA ALA C 83 22.95 -0.92 10.13
C ALA C 83 24.15 -1.83 10.00
N LEU C 84 23.96 -3.03 9.43
CA LEU C 84 25.08 -3.95 9.22
C LEU C 84 26.04 -3.46 8.16
N ASP C 85 25.59 -2.59 7.24
CA ASP C 85 26.51 -1.95 6.31
C ASP C 85 27.42 -0.95 7.01
N SER C 86 26.99 -0.41 8.14
CA SER C 86 27.75 0.60 8.87
C SER C 86 28.51 0.02 10.06
N ASN C 87 28.16 -1.17 10.51
CA ASN C 87 28.76 -1.76 11.70
C ASN C 87 29.96 -2.65 11.40
N VAL C 88 30.14 -3.06 10.15
CA VAL C 88 31.21 -3.99 9.80
C VAL C 88 32.56 -3.28 9.89
N SER C 89 33.42 -3.75 10.78
CA SER C 89 34.74 -3.15 10.98
C SER C 89 35.79 -3.89 10.15
N GLY C 90 35.61 -3.82 8.84
CA GLY C 90 36.56 -4.41 7.91
C GLY C 90 36.47 -5.92 7.81
N LYS C 91 37.45 -6.61 8.38
CA LYS C 91 37.46 -8.06 8.36
C LYS C 91 37.02 -8.70 9.67
N ILE C 92 37.25 -8.03 10.80
CA ILE C 92 36.72 -8.52 12.07
C ILE C 92 35.21 -8.36 12.12
N GLY C 93 34.70 -7.28 11.54
CA GLY C 93 33.26 -7.07 11.49
C GLY C 93 32.55 -8.00 10.53
N LEU C 94 33.25 -8.47 9.50
CA LEU C 94 32.61 -9.36 8.53
C LEU C 94 32.62 -10.80 9.00
N ARG C 95 33.67 -11.22 9.71
CA ARG C 95 33.76 -12.60 10.17
C ARG C 95 32.77 -12.88 11.30
N ALA C 96 32.42 -11.89 12.10
CA ALA C 96 31.42 -12.09 13.14
C ALA C 96 30.02 -12.17 12.57
N VAL C 97 29.73 -11.42 11.50
CA VAL C 97 28.41 -11.47 10.89
C VAL C 97 28.23 -12.77 10.12
N VAL C 98 29.31 -13.25 9.47
CA VAL C 98 29.27 -14.51 8.74
C VAL C 98 29.10 -15.68 9.71
N TYR C 99 29.76 -15.62 10.87
CA TYR C 99 29.61 -16.68 11.87
C TYR C 99 28.20 -16.74 12.46
N TYR C 100 27.55 -15.58 12.61
CA TYR C 100 26.20 -15.56 13.16
C TYR C 100 25.18 -16.15 12.19
N PHE C 101 25.46 -16.07 10.89
CA PHE C 101 24.51 -16.57 9.90
C PHE C 101 24.63 -18.08 9.70
N CYS C 102 25.84 -18.64 9.80
CA CYS C 102 25.97 -20.08 9.58
C CYS C 102 25.45 -20.88 10.75
N THR C 103 25.77 -20.49 11.98
CA THR C 103 25.28 -21.20 13.17
C THR C 103 23.76 -21.13 13.29
N THR C 104 23.17 -19.99 12.91
CA THR C 104 21.72 -19.88 12.93
C THR C 104 21.10 -20.77 11.85
N LEU C 105 21.75 -20.86 10.69
CA LEU C 105 21.26 -21.73 9.64
C LEU C 105 21.49 -23.21 9.97
N ILE C 106 22.50 -23.51 10.78
CA ILE C 106 22.73 -24.89 11.21
C ILE C 106 21.73 -25.29 12.29
N ALA C 107 21.43 -24.38 13.22
CA ALA C 107 20.48 -24.68 14.27
C ALA C 107 19.06 -24.81 13.74
N VAL C 108 18.73 -24.13 12.65
CA VAL C 108 17.43 -24.31 12.02
C VAL C 108 17.36 -25.65 11.30
N ILE C 109 18.42 -26.00 10.56
CA ILE C 109 18.50 -27.27 9.85
C ILE C 109 18.49 -28.45 10.83
N LEU C 110 19.17 -28.29 11.97
CA LEU C 110 19.10 -29.29 13.02
C LEU C 110 17.71 -29.37 13.64
N GLY C 111 17.00 -28.24 13.72
CA GLY C 111 15.64 -28.26 14.20
C GLY C 111 14.65 -28.83 13.22
N ILE C 112 14.90 -28.65 11.92
CA ILE C 112 14.00 -29.20 10.90
C ILE C 112 14.15 -30.71 10.84
N VAL C 113 15.38 -31.22 10.89
CA VAL C 113 15.63 -32.65 10.78
C VAL C 113 15.08 -33.38 12.00
N LEU C 114 15.20 -32.78 13.19
CA LEU C 114 14.77 -33.44 14.41
C LEU C 114 13.26 -33.51 14.52
N VAL C 115 12.55 -32.47 14.06
CA VAL C 115 11.10 -32.48 14.15
C VAL C 115 10.47 -33.31 13.02
N VAL C 116 11.21 -33.58 11.96
CA VAL C 116 10.73 -34.44 10.88
C VAL C 116 10.99 -35.91 11.20
N SER C 117 12.12 -36.20 11.84
CA SER C 117 12.44 -37.58 12.19
C SER C 117 11.59 -38.06 13.37
N ILE C 118 11.44 -37.25 14.40
CA ILE C 118 10.67 -37.65 15.57
C ILE C 118 9.18 -37.62 15.26
N LYS C 119 8.73 -36.60 14.51
CA LYS C 119 7.33 -36.30 14.20
C LYS C 119 6.44 -36.22 15.44
N PRO C 120 6.52 -35.15 16.25
CA PRO C 120 5.48 -34.96 17.27
C PRO C 120 4.26 -34.28 16.65
N GLY C 121 3.09 -34.85 16.90
CA GLY C 121 1.84 -34.34 16.39
C GLY C 121 1.12 -35.29 15.47
N VAL C 122 1.81 -36.27 14.88
CA VAL C 122 1.14 -37.25 14.04
C VAL C 122 0.40 -38.25 14.92
N THR C 123 -0.54 -38.98 14.29
CA THR C 123 -1.46 -39.93 14.93
C THR C 123 -2.21 -39.35 16.13
N SER C 139 3.93 -31.49 -7.50
CA SER C 139 5.29 -31.93 -7.78
C SER C 139 6.29 -31.19 -6.92
N THR C 140 7.49 -31.76 -6.80
CA THR C 140 8.53 -31.17 -5.97
C THR C 140 9.32 -30.09 -6.72
N VAL C 141 9.20 -30.04 -8.05
CA VAL C 141 9.86 -28.98 -8.80
C VAL C 141 8.99 -27.72 -8.88
N ASP C 142 7.67 -27.86 -8.87
CA ASP C 142 6.79 -26.69 -8.83
C ASP C 142 6.73 -26.03 -7.46
N ALA C 143 7.22 -26.69 -6.42
CA ALA C 143 7.30 -26.03 -5.12
C ALA C 143 8.61 -25.29 -4.93
N MET C 144 9.69 -25.74 -5.58
CA MET C 144 10.94 -25.01 -5.53
C MET C 144 10.95 -23.82 -6.48
N LEU C 145 10.23 -23.90 -7.59
CA LEU C 145 10.12 -22.74 -8.46
C LEU C 145 9.09 -21.74 -7.98
N ASP C 146 8.11 -22.17 -7.19
CA ASP C 146 7.25 -21.21 -6.50
C ASP C 146 7.98 -20.47 -5.40
N LEU C 147 9.06 -21.05 -4.89
CA LEU C 147 9.88 -20.37 -3.90
C LEU C 147 10.60 -19.18 -4.51
N ILE C 148 11.13 -19.35 -5.72
CA ILE C 148 11.85 -18.28 -6.39
C ILE C 148 10.90 -17.27 -7.02
N ARG C 149 9.73 -17.71 -7.47
CA ARG C 149 8.74 -16.79 -8.01
C ARG C 149 8.18 -15.88 -6.93
N ASN C 150 8.15 -16.33 -5.69
CA ASN C 150 7.64 -15.53 -4.59
C ASN C 150 8.69 -14.61 -3.98
N MET C 151 9.97 -14.89 -4.21
CA MET C 151 11.01 -13.95 -3.79
C MET C 151 10.99 -12.67 -4.61
N PHE C 152 10.58 -12.78 -5.88
CA PHE C 152 10.47 -11.63 -6.78
C PHE C 152 9.02 -11.54 -7.24
N PRO C 153 8.16 -10.90 -6.45
CA PRO C 153 6.75 -10.81 -6.84
C PRO C 153 6.56 -9.82 -7.98
N GLU C 154 5.40 -9.89 -8.62
CA GLU C 154 5.16 -8.97 -9.72
C GLU C 154 4.69 -7.61 -9.25
N ASN C 155 4.39 -7.44 -7.96
CA ASN C 155 3.95 -6.15 -7.47
C ASN C 155 4.24 -6.09 -5.98
N LEU C 156 4.63 -4.91 -5.52
CA LEU C 156 4.97 -4.73 -4.11
C LEU C 156 3.76 -4.60 -3.21
N VAL C 157 2.65 -4.06 -3.73
CA VAL C 157 1.47 -3.91 -2.89
C VAL C 157 0.73 -5.23 -2.76
N GLN C 158 0.64 -6.01 -3.84
CA GLN C 158 0.08 -7.35 -3.74
C GLN C 158 0.95 -8.30 -2.93
N ALA C 159 2.24 -8.01 -2.81
CA ALA C 159 3.11 -8.82 -1.98
C ALA C 159 2.78 -8.68 -0.49
N CYS C 160 2.12 -7.59 -0.10
CA CYS C 160 1.73 -7.42 1.29
C CYS C 160 0.54 -8.29 1.67
N PHE C 161 -0.24 -8.81 0.71
CA PHE C 161 -1.37 -9.64 1.08
C PHE C 161 -1.63 -10.83 0.18
N GLN C 162 -0.83 -11.09 -0.84
CA GLN C 162 -1.12 -12.18 -1.77
C GLN C 162 0.16 -12.93 -2.11
N GLN C 163 0.00 -14.20 -2.46
CA GLN C 163 1.11 -15.08 -2.79
C GLN C 163 0.84 -15.78 -4.12
N TYR C 164 1.87 -15.88 -4.94
CA TYR C 164 1.76 -16.60 -6.20
C TYR C 164 1.86 -18.09 -5.98
N LYS C 165 0.86 -18.82 -6.46
CA LYS C 165 0.87 -20.28 -6.47
C LYS C 165 0.61 -20.80 -7.88
N THR C 166 1.33 -21.86 -8.24
CA THR C 166 1.23 -22.44 -9.57
C THR C 166 0.59 -23.82 -9.52
N LYS C 167 0.14 -24.29 -10.67
CA LYS C 167 -0.68 -25.48 -10.77
C LYS C 167 -0.38 -26.15 -12.10
N ARG C 168 0.16 -27.36 -12.04
CA ARG C 168 0.46 -28.14 -13.23
C ARG C 168 -0.80 -28.84 -13.71
N GLU C 169 -1.18 -28.60 -14.96
CA GLU C 169 -2.44 -29.13 -15.50
C GLU C 169 -2.32 -29.22 -17.01
N GLU C 170 -3.43 -29.60 -17.64
CA GLU C 170 -3.53 -29.62 -19.10
C GLU C 170 -4.97 -29.41 -19.53
N GLU C 201 3.20 -32.83 -21.98
CA GLU C 201 1.80 -32.64 -22.35
C GLU C 201 1.04 -31.88 -21.28
N TYR C 202 1.76 -31.15 -20.43
CA TYR C 202 1.14 -30.40 -19.35
C TYR C 202 1.49 -28.92 -19.47
N LYS C 203 0.62 -28.08 -18.94
CA LYS C 203 0.81 -26.64 -18.89
C LYS C 203 0.92 -26.20 -17.43
N ILE C 204 1.22 -24.91 -17.22
CA ILE C 204 1.45 -24.37 -15.88
C ILE C 204 0.76 -23.01 -15.79
N VAL C 205 -0.11 -22.87 -14.80
CA VAL C 205 -0.96 -21.69 -14.61
C VAL C 205 -0.76 -21.18 -13.19
N GLY C 206 -0.62 -19.86 -13.05
CA GLY C 206 -0.58 -19.23 -11.73
C GLY C 206 -1.90 -18.58 -11.35
N MET C 207 -2.07 -18.37 -10.04
CA MET C 207 -3.40 -18.02 -9.54
C MET C 207 -3.41 -16.77 -8.65
N TYR C 208 -2.31 -16.50 -7.93
CA TYR C 208 -2.19 -15.43 -6.93
C TYR C 208 -3.22 -15.56 -5.81
N SER C 209 -3.03 -16.62 -5.01
CA SER C 209 -3.85 -16.86 -3.83
C SER C 209 -3.55 -15.83 -2.74
N ASP C 210 -4.29 -15.91 -1.64
CA ASP C 210 -4.21 -14.93 -0.56
C ASP C 210 -3.27 -15.41 0.54
N GLY C 211 -2.87 -14.47 1.39
CA GLY C 211 -1.87 -14.66 2.43
C GLY C 211 -0.64 -13.82 2.11
N ILE C 212 -0.06 -13.22 3.14
CA ILE C 212 1.02 -12.24 2.95
C ILE C 212 2.29 -12.94 2.47
N ASN C 213 2.91 -12.37 1.44
CA ASN C 213 4.16 -12.90 0.90
C ASN C 213 5.31 -12.41 1.77
N VAL C 214 5.73 -13.23 2.72
CA VAL C 214 6.78 -12.82 3.65
C VAL C 214 8.15 -12.90 2.97
N LEU C 215 8.33 -13.84 2.03
CA LEU C 215 9.60 -13.95 1.33
C LEU C 215 9.81 -12.79 0.36
N GLY C 216 8.75 -12.30 -0.25
CA GLY C 216 8.89 -11.18 -1.17
C GLY C 216 9.21 -9.89 -0.46
N LEU C 217 8.76 -9.75 0.79
CA LEU C 217 9.07 -8.56 1.56
C LEU C 217 10.44 -8.65 2.22
N ILE C 218 10.89 -9.86 2.55
CA ILE C 218 12.22 -10.03 3.12
C ILE C 218 13.29 -9.80 2.06
N VAL C 219 13.08 -10.34 0.86
CA VAL C 219 14.08 -10.25 -0.20
C VAL C 219 14.18 -8.83 -0.75
N PHE C 220 13.03 -8.16 -0.93
CA PHE C 220 13.05 -6.79 -1.44
C PHE C 220 13.67 -5.82 -0.44
N CYS C 221 13.28 -5.93 0.83
CA CYS C 221 13.80 -5.00 1.83
C CYS C 221 15.25 -5.30 2.21
N LEU C 222 15.74 -6.50 1.88
CA LEU C 222 17.17 -6.76 1.99
C LEU C 222 17.92 -6.05 0.87
N VAL C 223 17.39 -6.09 -0.36
CA VAL C 223 18.00 -5.39 -1.47
C VAL C 223 17.82 -3.89 -1.33
N PHE C 224 16.64 -3.46 -0.85
CA PHE C 224 16.40 -2.04 -0.60
C PHE C 224 17.24 -1.51 0.56
N GLY C 225 17.34 -2.28 1.64
CA GLY C 225 18.17 -1.86 2.77
C GLY C 225 19.65 -1.85 2.47
N LEU C 226 20.09 -2.67 1.51
CA LEU C 226 21.49 -2.63 1.09
C LEU C 226 21.78 -1.39 0.26
N VAL C 227 20.82 -0.94 -0.55
CA VAL C 227 21.03 0.16 -1.46
C VAL C 227 21.14 1.48 -0.70
N ILE C 228 20.32 1.66 0.34
CA ILE C 228 20.36 2.90 1.13
C ILE C 228 21.66 3.00 1.93
N GLY C 229 22.22 1.86 2.32
CA GLY C 229 23.50 1.89 3.00
C GLY C 229 24.65 2.35 2.11
N LYS C 230 24.58 2.03 0.83
CA LYS C 230 25.61 2.49 -0.11
C LYS C 230 25.37 3.91 -0.59
N MET C 231 24.15 4.43 -0.44
CA MET C 231 23.88 5.79 -0.90
C MET C 231 24.49 6.84 0.01
N GLY C 232 24.65 6.55 1.29
CA GLY C 232 25.22 7.50 2.22
C GLY C 232 24.38 8.74 2.47
N GLU C 233 24.99 9.90 2.21
CA GLU C 233 24.37 11.20 2.47
C GLU C 233 23.06 11.38 1.69
N LYS C 234 23.01 10.88 0.45
CA LYS C 234 21.81 11.00 -0.38
C LYS C 234 20.63 10.25 0.24
N GLY C 235 20.89 9.10 0.85
CA GLY C 235 19.82 8.29 1.41
C GLY C 235 19.68 8.39 2.91
N GLN C 236 20.25 9.44 3.52
CA GLN C 236 20.17 9.58 4.97
C GLN C 236 18.76 9.88 5.46
N ILE C 237 17.89 10.45 4.62
CA ILE C 237 16.52 10.66 5.05
C ILE C 237 15.75 9.35 5.05
N LEU C 238 16.16 8.38 4.25
CA LEU C 238 15.51 7.07 4.26
C LEU C 238 15.95 6.21 5.44
N VAL C 239 17.20 6.35 5.90
CA VAL C 239 17.60 5.66 7.12
C VAL C 239 16.87 6.22 8.33
N ASP C 240 16.72 7.55 8.41
CA ASP C 240 16.04 8.15 9.55
C ASP C 240 14.54 7.92 9.51
N PHE C 241 13.95 7.78 8.32
CA PHE C 241 12.52 7.50 8.23
C PHE C 241 12.21 6.11 8.74
N PHE C 242 12.94 5.11 8.28
CA PHE C 242 12.63 3.75 8.69
C PHE C 242 13.15 3.43 10.08
N ASN C 243 14.11 4.19 10.61
CA ASN C 243 14.49 4.04 12.01
C ASN C 243 13.37 4.51 12.93
N ALA C 244 12.76 5.65 12.62
CA ALA C 244 11.65 6.10 13.42
C ALA C 244 10.41 5.25 13.19
N LEU C 245 10.31 4.61 12.03
CA LEU C 245 9.19 3.70 11.78
C LEU C 245 9.39 2.39 12.52
N SER C 246 10.63 1.94 12.68
CA SER C 246 10.91 0.72 13.42
C SER C 246 10.91 0.92 14.91
N ASP C 247 11.20 2.14 15.39
CA ASP C 247 11.05 2.41 16.81
C ASP C 247 9.59 2.54 17.18
N ALA C 248 8.77 3.00 16.25
CA ALA C 248 7.35 3.17 16.51
C ALA C 248 6.62 1.84 16.54
N THR C 249 6.89 0.93 15.59
CA THR C 249 6.20 -0.35 15.58
C THR C 249 6.74 -1.32 16.61
N MET C 250 7.94 -1.09 17.13
CA MET C 250 8.39 -1.88 18.27
C MET C 250 7.71 -1.46 19.56
N LYS C 251 7.18 -0.24 19.61
CA LYS C 251 6.39 0.19 20.75
C LYS C 251 4.93 -0.21 20.63
N ILE C 252 4.42 -0.42 19.43
CA ILE C 252 3.07 -0.94 19.27
C ILE C 252 3.03 -2.43 19.59
N VAL C 253 4.12 -3.15 19.30
CA VAL C 253 4.22 -4.56 19.66
C VAL C 253 4.22 -4.72 21.18
N GLN C 254 4.82 -3.77 21.89
CA GLN C 254 4.77 -3.79 23.35
C GLN C 254 3.38 -3.48 23.89
N ILE C 255 2.57 -2.74 23.14
CA ILE C 255 1.19 -2.49 23.56
C ILE C 255 0.36 -3.75 23.38
N ILE C 256 0.58 -4.49 22.30
CA ILE C 256 -0.13 -5.74 22.05
C ILE C 256 0.26 -6.80 23.08
N MET C 257 1.51 -6.79 23.53
CA MET C 257 1.95 -7.74 24.55
C MET C 257 1.44 -7.40 25.95
N CYS C 258 0.84 -6.23 26.15
CA CYS C 258 0.12 -5.97 27.39
C CYS C 258 -1.31 -6.50 27.34
N TYR C 259 -1.90 -6.58 26.15
CA TYR C 259 -3.18 -7.25 25.98
C TYR C 259 -3.04 -8.76 25.94
N MET C 260 -1.85 -9.27 25.60
CA MET C 260 -1.64 -10.69 25.39
C MET C 260 -2.01 -11.63 26.57
N PRO C 261 -1.79 -11.29 27.85
CA PRO C 261 -2.30 -12.19 28.90
C PRO C 261 -3.81 -12.28 28.98
N LEU C 262 -4.54 -11.25 28.56
CA LEU C 262 -5.99 -11.35 28.51
C LEU C 262 -6.44 -12.19 27.32
N GLY C 263 -5.70 -12.13 26.21
CA GLY C 263 -6.03 -12.88 25.02
C GLY C 263 -5.69 -14.36 25.11
N ILE C 264 -4.56 -14.69 25.75
CA ILE C 264 -4.18 -16.09 25.92
C ILE C 264 -5.14 -16.81 26.86
N LEU C 265 -5.74 -16.08 27.79
CA LEU C 265 -6.70 -16.66 28.73
C LEU C 265 -7.94 -17.20 28.00
N PHE C 266 -8.55 -16.39 27.13
CA PHE C 266 -9.73 -16.84 26.41
C PHE C 266 -9.42 -17.76 25.25
N LEU C 267 -8.17 -17.82 24.81
CA LEU C 267 -7.78 -18.68 23.70
C LEU C 267 -7.22 -20.02 24.13
N ILE C 268 -6.66 -20.11 25.35
CA ILE C 268 -6.37 -21.41 25.93
C ILE C 268 -7.66 -22.11 26.32
N ALA C 269 -8.59 -21.38 26.94
CA ALA C 269 -9.85 -21.96 27.39
C ALA C 269 -10.74 -22.38 26.22
N GLY C 270 -10.56 -21.78 25.04
CA GLY C 270 -11.26 -22.29 23.87
C GLY C 270 -10.71 -23.61 23.38
N LYS C 271 -9.44 -23.90 23.67
CA LYS C 271 -8.84 -25.17 23.30
C LYS C 271 -9.22 -26.27 24.28
N ILE C 272 -9.31 -25.95 25.57
CA ILE C 272 -9.61 -26.94 26.61
C ILE C 272 -11.06 -27.42 26.47
N ILE C 273 -11.95 -26.57 25.95
CA ILE C 273 -13.32 -26.98 25.73
C ILE C 273 -13.40 -28.01 24.60
N GLU C 274 -12.59 -27.82 23.55
CA GLU C 274 -12.72 -28.63 22.35
C GLU C 274 -11.97 -29.96 22.47
N VAL C 275 -11.16 -30.14 23.51
CA VAL C 275 -10.45 -31.40 23.65
C VAL C 275 -11.37 -32.44 24.30
N GLU C 276 -11.17 -33.71 23.91
CA GLU C 276 -11.78 -34.84 24.59
C GLU C 276 -10.78 -35.90 25.02
N ASP C 277 -9.52 -35.79 24.61
CA ASP C 277 -8.49 -36.80 24.77
C ASP C 277 -7.47 -36.38 25.82
N TRP C 278 -6.46 -37.23 25.97
CA TRP C 278 -5.22 -36.89 26.64
C TRP C 278 -4.04 -36.97 25.68
N GLU C 279 -4.31 -36.82 24.38
CA GLU C 279 -3.30 -36.97 23.36
C GLU C 279 -2.66 -35.65 22.96
N ILE C 280 -3.33 -34.53 23.21
CA ILE C 280 -2.73 -33.24 22.89
C ILE C 280 -1.61 -32.91 23.86
N PHE C 281 -1.64 -33.48 25.07
CA PHE C 281 -0.59 -33.26 26.04
C PHE C 281 0.57 -34.23 25.87
N ARG C 282 0.32 -35.39 25.26
CA ARG C 282 1.44 -36.26 24.88
C ARG C 282 2.17 -35.69 23.68
N LYS C 283 1.48 -34.93 22.84
CA LYS C 283 2.11 -34.25 21.72
C LYS C 283 2.86 -33.00 22.18
N LEU C 284 2.33 -32.33 23.20
CA LEU C 284 3.02 -31.18 23.76
C LEU C 284 4.24 -31.60 24.57
N GLY C 285 4.20 -32.80 25.14
CA GLY C 285 5.38 -33.32 25.82
C GLY C 285 6.46 -33.74 24.85
N LEU C 286 6.07 -34.29 23.71
CA LEU C 286 7.02 -34.61 22.67
C LEU C 286 7.51 -33.39 21.91
N TYR C 287 6.81 -32.26 22.03
CA TYR C 287 7.31 -31.02 21.44
C TYR C 287 8.36 -30.39 22.33
N MET C 288 8.17 -30.45 23.65
CA MET C 288 9.20 -29.96 24.56
C MET C 288 10.41 -30.88 24.56
N ALA C 289 10.22 -32.17 24.31
CA ALA C 289 11.33 -33.11 24.21
C ALA C 289 12.01 -33.09 22.85
N THR C 290 11.50 -32.29 21.91
CA THR C 290 12.17 -32.04 20.63
C THR C 290 12.99 -30.75 20.66
N VAL C 291 12.47 -29.71 21.33
CA VAL C 291 13.22 -28.48 21.48
C VAL C 291 14.41 -28.70 22.41
N LEU C 292 14.18 -29.38 23.54
CA LEU C 292 15.26 -29.63 24.49
C LEU C 292 16.28 -30.62 23.95
N THR C 293 15.88 -31.48 23.02
CA THR C 293 16.86 -32.32 22.32
C THR C 293 17.68 -31.48 21.34
N GLY C 294 17.03 -30.56 20.64
CA GLY C 294 17.73 -29.69 19.71
C GLY C 294 18.68 -28.73 20.40
N LEU C 295 18.29 -28.23 21.57
CA LEU C 295 19.19 -27.36 22.33
C LEU C 295 20.32 -28.13 22.98
N ALA C 296 20.18 -29.44 23.16
CA ALA C 296 21.26 -30.23 23.71
C ALA C 296 22.25 -30.67 22.63
N ILE C 297 21.75 -30.98 21.43
CA ILE C 297 22.65 -31.35 20.34
C ILE C 297 23.40 -30.12 19.84
N HIS C 298 22.74 -28.96 19.83
CA HIS C 298 23.40 -27.76 19.33
C HIS C 298 24.46 -27.23 20.29
N SER C 299 24.29 -27.44 21.60
CA SER C 299 25.20 -26.85 22.56
C SER C 299 26.30 -27.80 23.02
N ILE C 300 26.17 -29.09 22.76
CA ILE C 300 27.17 -30.07 23.17
C ILE C 300 27.86 -30.71 21.97
N VAL C 301 27.12 -30.95 20.89
CA VAL C 301 27.65 -31.67 19.74
C VAL C 301 28.01 -30.73 18.60
N ILE C 302 27.23 -29.69 18.36
CA ILE C 302 27.43 -28.84 17.18
C ILE C 302 28.39 -27.70 17.49
N LEU C 303 28.05 -26.84 18.45
CA LEU C 303 28.86 -25.66 18.74
C LEU C 303 30.25 -25.94 19.34
N PRO C 304 30.48 -27.01 20.11
CA PRO C 304 31.87 -27.39 20.36
C PRO C 304 32.61 -27.92 19.14
N LEU C 305 31.90 -28.51 18.18
CA LEU C 305 32.59 -29.03 17.00
C LEU C 305 33.02 -27.89 16.08
N ILE C 306 32.18 -26.86 15.94
CA ILE C 306 32.52 -25.70 15.11
C ILE C 306 33.69 -24.94 15.72
N TYR C 307 33.78 -24.93 17.04
CA TYR C 307 34.96 -24.39 17.72
C TYR C 307 36.20 -25.23 17.43
N PHE C 308 36.06 -26.55 17.44
CA PHE C 308 37.23 -27.43 17.29
C PHE C 308 37.75 -27.49 15.87
N ILE C 309 36.93 -27.16 14.87
CA ILE C 309 37.42 -27.11 13.50
C ILE C 309 38.40 -25.94 13.32
N VAL C 310 38.08 -24.78 13.88
CA VAL C 310 38.91 -23.60 13.68
C VAL C 310 39.83 -23.27 14.87
N VAL C 311 39.50 -23.70 16.09
CA VAL C 311 40.32 -23.45 17.27
C VAL C 311 40.59 -24.80 17.94
N ARG C 312 41.82 -25.29 17.84
CA ARG C 312 42.19 -26.57 18.47
C ARG C 312 42.56 -26.32 19.93
N LYS C 313 41.54 -26.03 20.75
CA LYS C 313 41.83 -25.61 22.11
C LYS C 313 40.85 -26.18 23.13
N ASN C 314 40.36 -27.42 22.91
CA ASN C 314 39.51 -28.18 23.83
C ASN C 314 38.25 -27.43 24.24
N PRO C 315 37.20 -27.45 23.41
CA PRO C 315 36.06 -26.53 23.61
C PRO C 315 35.32 -26.68 24.93
N PHE C 316 35.43 -27.80 25.62
CA PHE C 316 34.73 -27.93 26.89
C PHE C 316 35.45 -27.17 28.00
N ARG C 317 36.77 -27.00 27.87
CA ARG C 317 37.48 -26.12 28.79
C ARG C 317 37.13 -24.67 28.52
N PHE C 318 36.84 -24.33 27.26
CA PHE C 318 36.35 -23.00 26.94
C PHE C 318 34.95 -22.78 27.51
N ALA C 319 34.14 -23.84 27.55
CA ALA C 319 32.79 -23.72 28.06
C ALA C 319 32.77 -23.65 29.59
N MET C 320 33.71 -24.35 30.24
CA MET C 320 33.79 -24.25 31.70
C MET C 320 34.32 -22.90 32.15
N GLY C 321 35.08 -22.22 31.30
CA GLY C 321 35.48 -20.87 31.62
C GLY C 321 34.35 -19.85 31.49
N MET C 322 33.25 -20.23 30.85
CA MET C 322 32.09 -19.39 30.70
C MET C 322 30.98 -19.75 31.67
N ALA C 323 31.29 -20.58 32.68
CA ALA C 323 30.26 -21.19 33.52
C ALA C 323 29.55 -20.16 34.40
N GLN C 324 30.22 -19.04 34.72
CA GLN C 324 29.56 -18.01 35.49
C GLN C 324 28.58 -17.21 34.64
N ALA C 325 28.82 -17.11 33.34
CA ALA C 325 27.90 -16.38 32.47
C ALA C 325 26.69 -17.21 32.07
N LEU C 326 26.80 -18.54 32.07
CA LEU C 326 25.66 -19.37 31.69
C LEU C 326 24.63 -19.47 32.81
N LEU C 327 25.09 -19.52 34.07
CA LEU C 327 24.15 -19.67 35.18
C LEU C 327 23.39 -18.39 35.44
N THR C 328 24.00 -17.23 35.20
CA THR C 328 23.28 -15.98 35.31
C THR C 328 22.43 -15.67 34.10
N ALA C 329 22.59 -16.43 33.01
CA ALA C 329 21.69 -16.35 31.87
C ALA C 329 20.40 -17.12 32.12
N LEU C 330 20.36 -17.95 33.14
CA LEU C 330 19.16 -18.65 33.57
C LEU C 330 18.32 -17.81 34.52
N MET C 331 18.95 -17.09 35.44
CA MET C 331 18.18 -16.33 36.42
C MET C 331 17.53 -15.11 35.79
N ILE C 332 18.31 -14.26 35.12
CA ILE C 332 17.73 -13.08 34.49
C ILE C 332 16.89 -13.44 33.27
N SER C 333 17.30 -14.47 32.51
CA SER C 333 16.65 -14.96 31.27
C SER C 333 16.52 -13.89 30.19
N SER C 334 17.55 -13.04 30.06
CA SER C 334 17.60 -12.02 29.03
C SER C 334 19.01 -11.96 28.48
N SER C 335 19.15 -12.03 27.16
CA SER C 335 20.48 -12.07 26.54
C SER C 335 21.15 -10.70 26.47
N SER C 336 20.40 -9.61 26.50
CA SER C 336 21.03 -8.30 26.46
C SER C 336 21.38 -7.78 27.85
N ALA C 337 20.64 -8.22 28.86
CA ALA C 337 20.86 -7.84 30.25
C ALA C 337 21.90 -8.71 30.93
N THR C 338 22.43 -9.71 30.24
CA THR C 338 23.52 -10.53 30.73
C THR C 338 24.86 -10.10 30.12
N LEU C 339 24.90 -8.94 29.47
CA LEU C 339 26.14 -8.44 28.88
C LEU C 339 27.26 -8.15 29.88
N PRO C 340 27.09 -7.34 30.95
CA PRO C 340 28.26 -6.99 31.79
C PRO C 340 28.86 -8.12 32.61
N VAL C 341 28.22 -9.28 32.72
CA VAL C 341 28.87 -10.42 33.34
C VAL C 341 29.66 -11.22 32.30
N THR C 342 29.12 -11.41 31.11
CA THR C 342 29.79 -12.21 30.09
C THR C 342 30.91 -11.45 29.40
N PHE C 343 30.98 -10.12 29.55
CA PHE C 343 32.17 -9.40 29.13
C PHE C 343 33.38 -9.83 29.96
N ARG C 344 33.28 -9.74 31.29
CA ARG C 344 34.44 -10.05 32.12
C ARG C 344 34.71 -11.54 32.20
N CYS C 345 33.66 -12.38 32.12
CA CYS C 345 33.83 -13.82 32.26
C CYS C 345 34.51 -14.43 31.05
N ALA C 346 34.55 -13.72 29.91
CA ALA C 346 35.33 -14.17 28.78
C ALA C 346 36.80 -13.76 28.91
N GLU C 347 37.05 -12.57 29.45
CA GLU C 347 38.42 -12.05 29.47
C GLU C 347 39.19 -12.51 30.70
N GLU C 348 38.54 -12.55 31.87
CA GLU C 348 39.22 -12.96 33.09
C GLU C 348 39.56 -14.44 33.10
N ASN C 349 38.87 -15.25 32.30
CA ASN C 349 39.01 -16.70 32.34
C ASN C 349 39.57 -17.25 31.04
N ASN C 350 38.98 -16.88 29.90
CA ASN C 350 39.34 -17.48 28.63
C ASN C 350 40.33 -16.63 27.83
N GLN C 351 40.79 -15.51 28.42
CA GLN C 351 41.90 -14.70 27.90
C GLN C 351 41.60 -14.13 26.51
N VAL C 352 40.35 -13.76 26.28
CA VAL C 352 39.96 -13.18 25.01
C VAL C 352 40.41 -11.73 24.96
N ASP C 353 40.68 -11.23 23.76
CA ASP C 353 41.13 -9.86 23.58
C ASP C 353 39.98 -8.90 23.87
N LYS C 354 40.34 -7.74 24.43
CA LYS C 354 39.28 -6.78 24.75
C LYS C 354 38.79 -6.05 23.51
N ARG C 355 39.59 -6.03 22.43
CA ARG C 355 39.15 -5.39 21.19
C ARG C 355 38.15 -6.25 20.45
N ILE C 356 38.26 -7.57 20.58
CA ILE C 356 37.32 -8.47 19.93
C ILE C 356 36.05 -8.63 20.76
N THR C 357 36.18 -8.59 22.09
CA THR C 357 35.03 -8.78 22.97
C THR C 357 34.09 -7.57 22.92
N ARG C 358 34.64 -6.38 22.69
CA ARG C 358 33.85 -5.15 22.67
C ARG C 358 33.01 -4.99 21.41
N PHE C 359 33.18 -5.86 20.42
CA PHE C 359 32.35 -5.88 19.23
C PHE C 359 31.46 -7.10 19.13
N VAL C 360 31.99 -8.29 19.43
CA VAL C 360 31.28 -9.54 19.15
C VAL C 360 30.09 -9.70 20.10
N LEU C 361 30.31 -9.48 21.38
CA LEU C 361 29.23 -9.58 22.36
C LEU C 361 28.16 -8.47 22.28
N PRO C 362 28.46 -7.20 21.98
CA PRO C 362 27.34 -6.25 21.79
C PRO C 362 26.44 -6.56 20.60
N VAL C 363 27.01 -6.79 19.42
CA VAL C 363 26.20 -7.08 18.25
C VAL C 363 25.66 -8.50 18.23
N GLY C 364 26.19 -9.38 19.07
CA GLY C 364 25.74 -10.76 19.08
C GLY C 364 24.52 -10.97 19.94
N ALA C 365 24.30 -10.08 20.91
CA ALA C 365 23.13 -10.21 21.79
C ALA C 365 21.84 -9.82 21.11
N THR C 366 21.90 -9.16 19.95
CA THR C 366 20.72 -8.81 19.18
C THR C 366 20.68 -9.46 17.81
N ILE C 367 21.71 -10.20 17.42
CA ILE C 367 21.74 -10.90 16.14
C ILE C 367 21.84 -12.41 16.32
N ASN C 368 22.81 -12.86 17.10
CA ASN C 368 22.96 -14.30 17.32
C ASN C 368 21.90 -14.86 18.26
N MET C 369 20.81 -15.35 17.69
CA MET C 369 19.74 -15.99 18.44
C MET C 369 19.71 -17.43 17.95
N ASP C 370 20.54 -18.28 18.54
CA ASP C 370 20.64 -19.66 18.07
C ASP C 370 19.54 -20.55 18.67
N GLY C 371 19.23 -20.36 19.94
CA GLY C 371 18.18 -21.15 20.56
C GLY C 371 16.78 -20.75 20.13
N THR C 372 16.59 -19.48 19.79
CA THR C 372 15.28 -19.02 19.33
C THR C 372 14.98 -19.50 17.92
N ALA C 373 15.99 -19.45 17.03
CA ALA C 373 15.82 -19.88 15.65
C ALA C 373 15.49 -21.36 15.54
N LEU C 374 16.15 -22.18 16.38
CA LEU C 374 15.90 -23.64 16.36
C LEU C 374 14.47 -23.89 16.86
N TYR C 375 14.08 -23.15 17.89
CA TYR C 375 12.75 -23.28 18.50
C TYR C 375 11.66 -22.87 17.54
N GLU C 376 11.89 -21.80 16.77
CA GLU C 376 10.92 -21.35 15.78
C GLU C 376 10.73 -22.38 14.67
N ALA C 377 11.83 -23.00 14.23
CA ALA C 377 11.75 -24.04 13.20
C ALA C 377 10.97 -25.27 13.68
N VAL C 378 11.17 -25.65 14.94
CA VAL C 378 10.48 -26.82 15.48
C VAL C 378 9.00 -26.52 15.71
N ALA C 379 8.69 -25.34 16.22
CA ALA C 379 7.31 -25.02 16.59
C ALA C 379 6.41 -24.86 15.37
N ALA C 380 6.97 -24.39 14.25
CA ALA C 380 6.14 -24.20 13.07
C ALA C 380 5.82 -25.50 12.36
N VAL C 381 6.74 -26.46 12.37
CA VAL C 381 6.44 -27.77 11.78
C VAL C 381 5.61 -28.60 12.74
N PHE C 382 5.72 -28.36 14.05
CA PHE C 382 4.84 -29.04 15.00
C PHE C 382 3.40 -28.60 14.83
N ILE C 383 3.17 -27.32 14.53
CA ILE C 383 1.83 -26.85 14.19
C ILE C 383 1.40 -27.44 12.85
N ALA C 384 2.34 -27.54 11.91
CA ALA C 384 2.06 -28.14 10.62
C ALA C 384 1.93 -29.66 10.65
N GLN C 385 2.24 -30.30 11.77
CA GLN C 385 1.89 -31.69 11.97
C GLN C 385 0.68 -31.87 12.87
N LEU C 386 0.37 -30.86 13.68
CA LEU C 386 -0.84 -30.87 14.50
C LEU C 386 -2.08 -30.78 13.61
N ASN C 387 -2.16 -29.73 12.80
CA ASN C 387 -3.03 -29.71 11.64
C ASN C 387 -2.39 -30.58 10.57
N ASP C 388 -3.15 -31.55 10.05
CA ASP C 388 -2.56 -32.68 9.34
C ASP C 388 -2.04 -32.26 7.97
N LEU C 389 -0.76 -31.89 7.93
CA LEU C 389 -0.06 -31.54 6.69
C LEU C 389 1.30 -32.22 6.71
N ASP C 390 2.06 -32.06 5.64
CA ASP C 390 3.42 -32.58 5.59
C ASP C 390 4.40 -31.59 4.99
N LEU C 391 3.92 -30.47 4.43
CA LEU C 391 4.63 -29.28 3.96
C LEU C 391 5.46 -29.49 2.69
N GLY C 392 5.63 -30.72 2.24
CA GLY C 392 6.46 -30.98 1.07
C GLY C 392 7.90 -30.62 1.36
N ILE C 393 8.50 -29.87 0.44
CA ILE C 393 9.83 -29.29 0.67
C ILE C 393 9.87 -27.79 0.40
N GLY C 394 8.94 -27.22 -0.36
CA GLY C 394 8.94 -25.79 -0.61
C GLY C 394 8.48 -24.96 0.56
N GLN C 395 7.73 -25.56 1.48
CA GLN C 395 7.36 -24.86 2.70
C GLN C 395 8.38 -25.04 3.80
N ILE C 396 9.21 -26.08 3.73
CA ILE C 396 10.25 -26.28 4.73
C ILE C 396 11.38 -25.26 4.53
N ILE C 397 11.72 -24.96 3.27
CA ILE C 397 12.70 -23.91 3.00
C ILE C 397 12.14 -22.55 3.38
N THR C 398 10.83 -22.37 3.30
CA THR C 398 10.21 -21.12 3.73
C THR C 398 10.29 -20.96 5.24
N ILE C 399 10.27 -22.06 5.99
CA ILE C 399 10.58 -22.02 7.41
C ILE C 399 12.05 -21.64 7.62
N SER C 400 12.95 -22.23 6.84
CA SER C 400 14.37 -22.09 7.09
C SER C 400 14.91 -20.71 6.71
N ILE C 401 14.18 -19.95 5.89
CA ILE C 401 14.59 -18.58 5.60
C ILE C 401 13.95 -17.60 6.57
N THR C 402 12.69 -17.81 6.91
CA THR C 402 11.98 -16.86 7.77
C THR C 402 12.43 -16.96 9.21
N ALA C 403 12.74 -18.18 9.68
CA ALA C 403 13.27 -18.32 11.04
C ALA C 403 14.72 -17.86 11.14
N THR C 404 15.48 -17.96 10.06
CA THR C 404 16.85 -17.45 10.07
C THR C 404 16.88 -15.93 10.01
N SER C 405 16.04 -15.33 9.18
CA SER C 405 15.97 -13.88 9.05
C SER C 405 15.19 -13.23 10.17
N ALA C 406 14.64 -14.00 11.11
CA ALA C 406 13.98 -13.42 12.27
C ALA C 406 14.96 -12.82 13.27
N SER C 407 16.26 -13.06 13.10
CA SER C 407 17.27 -12.34 13.87
C SER C 407 17.26 -10.86 13.53
N ILE C 408 17.17 -10.52 12.25
CA ILE C 408 17.12 -9.13 11.84
C ILE C 408 15.70 -8.59 11.94
N GLY C 409 14.71 -9.41 11.66
CA GLY C 409 13.31 -8.99 11.63
C GLY C 409 12.70 -8.68 12.98
N ALA C 410 13.41 -8.96 14.07
CA ALA C 410 13.08 -8.47 15.40
C ALA C 410 14.30 -7.74 15.92
N ALA C 411 14.19 -6.41 16.06
CA ALA C 411 15.35 -5.56 16.30
C ALA C 411 15.80 -5.63 17.76
N GLY C 412 16.33 -6.78 18.13
CA GLY C 412 16.94 -7.00 19.44
C GLY C 412 16.03 -6.87 20.63
N VAL C 413 14.83 -7.43 20.57
CA VAL C 413 13.87 -7.29 21.66
C VAL C 413 13.37 -8.67 22.09
N PRO C 414 13.45 -9.03 23.38
CA PRO C 414 12.89 -10.31 23.81
C PRO C 414 11.37 -10.32 23.97
N GLN C 415 10.72 -9.17 23.85
CA GLN C 415 9.26 -9.12 23.90
C GLN C 415 8.65 -9.78 22.67
N ALA C 416 9.24 -9.52 21.51
CA ALA C 416 8.76 -9.86 20.17
C ALA C 416 8.95 -11.34 19.81
N GLY C 417 9.13 -12.22 20.81
CA GLY C 417 9.25 -13.64 20.54
C GLY C 417 7.97 -14.29 20.04
N LEU C 418 6.82 -13.79 20.46
CA LEU C 418 5.56 -14.36 19.99
C LEU C 418 5.23 -13.87 18.58
N VAL C 419 5.49 -12.60 18.29
CA VAL C 419 5.08 -12.05 17.01
C VAL C 419 5.98 -12.52 15.86
N THR C 420 7.22 -12.93 16.15
CA THR C 420 8.04 -13.53 15.11
C THR C 420 7.64 -14.96 14.80
N MET C 421 6.95 -15.64 15.71
CA MET C 421 6.36 -16.94 15.39
C MET C 421 5.18 -16.78 14.43
N VAL C 422 4.43 -15.69 14.56
CA VAL C 422 3.32 -15.45 13.64
C VAL C 422 3.85 -15.13 12.25
N ILE C 423 5.03 -14.54 12.16
CA ILE C 423 5.66 -14.28 10.87
C ILE C 423 6.03 -15.59 10.19
N VAL C 424 6.54 -16.55 10.97
CA VAL C 424 6.93 -17.85 10.43
C VAL C 424 5.71 -18.67 10.03
N LEU C 425 4.63 -18.57 10.82
CA LEU C 425 3.41 -19.29 10.48
C LEU C 425 2.68 -18.67 9.30
N SER C 426 2.81 -17.36 9.11
CA SER C 426 2.17 -16.72 7.97
C SER C 426 2.98 -16.87 6.69
N ALA C 427 4.28 -17.19 6.81
CA ALA C 427 5.09 -17.39 5.61
C ALA C 427 4.71 -18.66 4.87
N VAL C 428 4.14 -19.64 5.58
CA VAL C 428 3.68 -20.88 4.97
C VAL C 428 2.18 -20.84 4.70
N GLY C 429 1.40 -20.41 5.68
CA GLY C 429 -0.04 -20.36 5.54
C GLY C 429 -0.74 -21.18 6.61
N LEU C 430 -0.02 -21.44 7.68
CA LEU C 430 -0.51 -22.23 8.79
C LEU C 430 -1.47 -21.41 9.64
N PRO C 431 -2.41 -22.06 10.34
CA PRO C 431 -3.33 -21.31 11.22
C PRO C 431 -2.58 -20.71 12.40
N ALA C 432 -2.66 -19.40 12.54
CA ALA C 432 -1.96 -18.70 13.61
C ALA C 432 -2.63 -18.84 14.97
N GLU C 433 -3.89 -19.31 15.02
CA GLU C 433 -4.58 -19.47 16.28
C GLU C 433 -4.07 -20.66 17.09
N ASP C 434 -3.32 -21.57 16.49
CA ASP C 434 -2.72 -22.69 17.19
C ASP C 434 -1.42 -22.34 17.90
N VAL C 435 -1.04 -21.06 17.95
CA VAL C 435 0.19 -20.65 18.63
C VAL C 435 0.04 -20.62 20.15
N THR C 436 -1.17 -20.80 20.67
CA THR C 436 -1.37 -20.82 22.10
C THR C 436 -0.84 -22.09 22.75
N LEU C 437 -0.80 -23.19 21.99
CA LEU C 437 -0.13 -24.38 22.51
C LEU C 437 1.38 -24.21 22.54
N ILE C 438 1.92 -23.32 21.72
CA ILE C 438 3.33 -22.97 21.83
C ILE C 438 3.55 -22.09 23.05
N ILE C 439 2.63 -21.15 23.30
CA ILE C 439 2.76 -20.20 24.39
C ILE C 439 2.56 -20.89 25.73
N ALA C 440 1.66 -21.88 25.79
CA ALA C 440 1.35 -22.56 27.05
C ALA C 440 2.53 -23.35 27.60
N VAL C 441 3.49 -23.72 26.77
CA VAL C 441 4.72 -24.36 27.23
C VAL C 441 5.95 -23.52 26.93
N ASP C 442 5.75 -22.25 26.54
CA ASP C 442 6.89 -21.39 26.22
C ASP C 442 7.66 -20.97 27.46
N TRP C 443 6.97 -20.81 28.59
CA TRP C 443 7.63 -20.39 29.82
C TRP C 443 8.55 -21.47 30.38
N LEU C 444 8.27 -22.73 30.04
CA LEU C 444 9.14 -23.82 30.47
C LEU C 444 10.44 -23.82 29.66
N LEU C 445 10.37 -23.45 28.37
CA LEU C 445 11.50 -23.57 27.47
C LEU C 445 12.28 -22.28 27.29
N ASP C 446 11.73 -21.15 27.76
CA ASP C 446 12.34 -19.85 27.50
C ASP C 446 13.63 -19.67 28.29
N ARG C 447 13.74 -20.37 29.42
CA ARG C 447 14.96 -20.34 30.21
C ARG C 447 16.13 -20.98 29.47
N PHE C 448 15.88 -22.09 28.80
CA PHE C 448 16.92 -22.82 28.10
C PHE C 448 17.28 -22.24 26.73
N ARG C 449 16.40 -21.44 26.13
CA ARG C 449 16.75 -20.76 24.89
C ARG C 449 17.76 -19.65 25.14
N THR C 450 17.65 -18.96 26.28
CA THR C 450 18.56 -17.85 26.56
C THR C 450 19.95 -18.36 26.92
N MET C 451 20.05 -19.59 27.44
CA MET C 451 21.36 -20.18 27.72
C MET C 451 22.11 -20.52 26.44
N VAL C 452 21.40 -20.98 25.41
CA VAL C 452 22.03 -21.27 24.13
C VAL C 452 22.30 -19.97 23.37
N ASN C 453 21.49 -18.93 23.58
CA ASN C 453 21.68 -17.67 22.88
C ASN C 453 22.94 -16.95 23.34
N VAL C 454 23.34 -17.13 24.61
CA VAL C 454 24.57 -16.54 25.10
C VAL C 454 25.74 -17.50 24.94
N LEU C 455 25.49 -18.78 24.68
CA LEU C 455 26.57 -19.72 24.43
C LEU C 455 27.13 -19.57 23.02
N GLY C 456 26.28 -19.23 22.06
CA GLY C 456 26.78 -18.91 20.73
C GLY C 456 27.51 -17.59 20.71
N ASP C 457 27.17 -16.67 21.62
CA ASP C 457 27.96 -15.46 21.78
C ASP C 457 29.29 -15.76 22.45
N ALA C 458 29.30 -16.69 23.41
CA ALA C 458 30.53 -17.06 24.10
C ALA C 458 31.50 -17.77 23.16
N PHE C 459 31.01 -18.77 22.41
CA PHE C 459 31.85 -19.47 21.44
C PHE C 459 32.24 -18.60 20.26
N GLY C 460 31.57 -17.47 20.05
CA GLY C 460 31.94 -16.60 18.96
C GLY C 460 33.18 -15.77 19.21
N THR C 461 33.45 -15.43 20.48
CA THR C 461 34.66 -14.68 20.80
C THR C 461 35.91 -15.50 20.62
N GLY C 462 35.84 -16.82 20.84
CA GLY C 462 36.99 -17.67 20.64
C GLY C 462 37.25 -18.04 19.19
N ILE C 463 36.22 -18.08 18.37
CA ILE C 463 36.39 -18.51 16.98
C ILE C 463 36.92 -17.38 16.11
N VAL C 464 36.39 -16.17 16.25
CA VAL C 464 36.81 -15.05 15.41
C VAL C 464 38.23 -14.58 15.74
N GLU C 465 38.71 -14.76 16.99
CA GLU C 465 40.06 -14.32 17.33
C GLU C 465 41.11 -15.15 16.60
N LYS C 466 40.90 -16.46 16.48
CA LYS C 466 41.86 -17.29 15.76
C LYS C 466 41.81 -17.00 14.27
N LEU C 467 40.63 -16.66 13.76
CA LEU C 467 40.52 -16.29 12.35
C LEU C 467 41.13 -14.92 12.08
N SER C 468 41.16 -14.05 13.08
CA SER C 468 41.64 -12.68 12.92
C SER C 468 42.87 -12.40 13.77
N LYS C 469 43.82 -13.34 13.81
CA LYS C 469 45.04 -13.10 14.57
C LYS C 469 45.97 -12.13 13.87
N LYS C 470 45.88 -12.00 12.55
CA LYS C 470 46.67 -11.02 11.81
C LYS C 470 46.13 -9.60 11.94
N GLU C 471 44.84 -9.45 12.22
CA GLU C 471 44.28 -8.13 12.45
C GLU C 471 44.53 -7.61 13.85
N LEU C 472 45.09 -8.43 14.74
CA LEU C 472 45.42 -8.01 16.11
C LEU C 472 46.91 -7.78 16.33
N GLU C 473 47.74 -8.08 15.34
CA GLU C 473 49.14 -7.66 15.33
C GLU C 473 49.38 -6.40 14.49
N GLN C 474 48.35 -5.88 13.82
CA GLN C 474 48.54 -4.73 12.95
C GLN C 474 47.89 -3.45 13.44
N MET C 475 46.72 -3.51 14.10
CA MET C 475 46.06 -2.27 14.48
C MET C 475 46.69 -1.61 15.70
N ASP C 476 47.45 -2.36 16.50
CA ASP C 476 48.08 -1.83 17.71
C ASP C 476 49.15 -0.76 17.42
N ASP D . -24.08 8.43 3.56
CA ASP D . -24.87 8.48 4.79
C ASP D . -24.11 9.21 5.88
O ASP D . -22.89 9.30 5.84
CB ASP D . -25.24 7.08 5.25
CG ASP D . -26.42 7.06 6.20
OD1 ASP D . -26.23 7.35 7.39
OD2 ASP D . -27.55 6.77 5.74
OXT ASP D . -24.70 9.73 6.83
NA NA E . -20.73 12.33 11.32
NA NA F . -20.94 5.17 12.05
NA NA G . -23.52 11.89 17.97
#